data_6LGC
#
_entry.id   6LGC
#
_cell.length_a   65.634
_cell.length_b   146.750
_cell.length_c   154.025
_cell.angle_alpha   90.000
_cell.angle_beta   90.000
_cell.angle_gamma   90.000
#
_symmetry.space_group_name_H-M   'P 21 21 21'
#
loop_
_entity.id
_entity.type
_entity.pdbx_description
1 polymer 'Sucrose hydrolase'
2 non-polymer 'MAGNESIUM ION'
3 non-polymer 'CALCIUM ION'
4 non-polymer 1-DEOXYNOJIRIMYCIN
5 non-polymer GLYCEROL
6 water water
#
_entity_poly.entity_id   1
_entity_poly.type   'polypeptide(L)'
_entity_poly.pdbx_seq_one_letter_code
;MGSSHHHHHHSSGLVPRGSHMSNQNAPTPPPTEVIQLDWWKNCVLYQIYPRSFKDSDGDGIGDLKGIISELKHFVDAGVD
AIWMSPIFESPMVDFGYDISNFYDIHYEYGTMEDFEELLDKAHELGLKVLLDFVPNHASNESEYFIKSEAREPGYENFFI
WADPLPNPENPGVRLPPSNWVSQFGGSAWEWSEKRQQYYLHQFAIQQVDFDFRNPAVKQEMFNIMKFWLDKGADGFRLDA
LPYLIEADPADHEGRYPDDPLSGLTQFESHQLGYTIPLYTKDLIELYDVVYEWREFLDEYNKNHGGDTRVVFSEGYANVS
MTMLYYGNEDGAIGAHFPFNFDFITDLSSKSNARDFVYIILRWLTYMPYGGIPNWVFGNHDNNRMPTRFRHDMVDGLNII
NMLLPGVAVTYQGEEIGMRDGYVSWEDTVDIEACNRGDPDTYHLYSRDPARTPYHWDNSTSAGFSTSTNTWLPVAEDYQE
INLAKQKETARSHFKNYQALTKLRKQATLSHGEYDIRALSDRTFYLVRSLPTHDTYVLLFNVSERRDTVDLGRVPHLTLP
ATVYVSSIHSARLAGHEITSSQLSLEAGEALVLKAQPI
;
_entity_poly.pdbx_strand_id   A,B
#
# COMPACT_ATOMS: atom_id res chain seq x y z
N PRO A 29 33.39 24.45 -10.87
CA PRO A 29 33.50 23.01 -11.22
C PRO A 29 32.59 22.61 -12.40
N PRO A 30 33.09 22.61 -13.67
CA PRO A 30 32.23 22.73 -14.86
C PRO A 30 31.27 21.55 -15.05
N PRO A 31 30.09 21.74 -15.67
CA PRO A 31 29.02 20.73 -15.59
C PRO A 31 29.40 19.45 -16.35
N THR A 32 29.32 18.30 -15.68
CA THR A 32 29.66 16.97 -16.28
C THR A 32 28.80 16.76 -17.52
N GLU A 33 29.33 16.07 -18.53
CA GLU A 33 28.56 15.58 -19.70
C GLU A 33 27.68 14.43 -19.21
N VAL A 34 26.52 14.24 -19.83
CA VAL A 34 25.66 13.04 -19.60
C VAL A 34 25.45 12.36 -20.96
N ILE A 35 25.40 11.03 -21.00
CA ILE A 35 25.17 10.30 -22.28
C ILE A 35 23.67 10.42 -22.60
N GLN A 36 23.35 10.92 -23.80
CA GLN A 36 21.95 11.11 -24.27
C GLN A 36 21.21 9.75 -24.25
N LEU A 37 19.98 9.74 -23.77
CA LEU A 37 19.19 8.49 -23.65
C LEU A 37 18.49 8.24 -24.99
N ASP A 38 18.21 6.99 -25.31
CA ASP A 38 17.26 6.68 -26.43
C ASP A 38 15.94 7.42 -26.17
N TRP A 39 15.25 7.83 -27.24
CA TRP A 39 14.13 8.82 -27.24
C TRP A 39 12.98 8.37 -26.31
N TRP A 40 12.70 7.07 -26.23
CA TRP A 40 11.54 6.50 -25.52
C TRP A 40 11.78 6.47 -24.00
N LYS A 41 13.00 6.70 -23.49
CA LYS A 41 13.30 6.56 -22.05
C LYS A 41 12.90 7.83 -21.29
N ASN A 42 12.74 8.96 -22.00
CA ASN A 42 12.35 10.21 -21.32
C ASN A 42 11.46 11.02 -22.25
N CYS A 43 10.69 10.41 -23.16
CA CYS A 43 9.80 11.20 -24.05
C CYS A 43 8.64 11.77 -23.21
N VAL A 44 8.00 12.80 -23.75
CA VAL A 44 6.63 13.27 -23.38
C VAL A 44 5.72 12.65 -24.43
N LEU A 45 4.92 11.68 -24.01
CA LEU A 45 3.98 10.94 -24.88
C LEU A 45 2.61 11.57 -24.69
N TYR A 46 1.98 12.00 -25.78
CA TYR A 46 0.65 12.65 -25.77
C TYR A 46 -0.37 11.67 -26.41
N GLN A 47 -1.44 11.36 -25.70
CA GLN A 47 -2.53 10.50 -26.24
C GLN A 47 -3.56 11.36 -26.96
N ILE A 48 -3.66 11.17 -28.27
CA ILE A 48 -4.73 11.78 -29.09
C ILE A 48 -5.92 10.83 -29.11
N TYR A 49 -7.12 11.36 -28.86
CA TYR A 49 -8.41 10.67 -29.13
C TYR A 49 -8.92 11.25 -30.47
N PRO A 50 -8.61 10.61 -31.62
CA PRO A 50 -8.84 11.23 -32.93
C PRO A 50 -10.26 11.80 -33.12
N ARG A 51 -11.28 11.07 -32.66
CA ARG A 51 -12.67 11.47 -32.86
C ARG A 51 -12.94 12.88 -32.27
N SER A 52 -12.16 13.33 -31.28
CA SER A 52 -12.46 14.56 -30.50
C SER A 52 -11.33 15.58 -30.57
N PHE A 53 -10.30 15.38 -31.40
CA PHE A 53 -9.14 16.28 -31.46
C PHE A 53 -9.47 17.46 -32.40
N LYS A 54 -9.67 17.19 -33.69
CA LYS A 54 -9.87 18.25 -34.71
C LYS A 54 -10.63 17.69 -35.91
N ASP A 55 -11.82 18.21 -36.12
CA ASP A 55 -12.69 17.97 -37.31
C ASP A 55 -12.35 19.00 -38.41
N SER A 56 -11.77 18.52 -39.52
CA SER A 56 -11.39 19.33 -40.70
C SER A 56 -12.55 19.48 -41.70
N ASP A 57 -13.62 18.68 -41.63
CA ASP A 57 -14.57 18.64 -42.78
C ASP A 57 -16.01 18.92 -42.33
N GLY A 58 -16.23 19.35 -41.09
CA GLY A 58 -17.54 19.88 -40.68
C GLY A 58 -18.61 18.83 -40.43
N ASP A 59 -18.23 17.57 -40.25
CA ASP A 59 -19.16 16.46 -39.91
C ASP A 59 -19.28 16.28 -38.39
N GLY A 60 -18.59 17.10 -37.58
CA GLY A 60 -18.64 17.01 -36.11
C GLY A 60 -17.80 15.85 -35.58
N ILE A 61 -17.02 15.23 -36.46
CA ILE A 61 -16.21 14.04 -36.17
C ILE A 61 -14.76 14.41 -36.42
N GLY A 62 -13.89 14.23 -35.42
CA GLY A 62 -12.46 14.50 -35.59
C GLY A 62 -11.83 13.54 -36.56
N ASP A 63 -10.80 13.96 -37.30
CA ASP A 63 -10.29 13.18 -38.46
C ASP A 63 -8.78 13.37 -38.61
N LEU A 64 -8.17 12.59 -39.49
CA LEU A 64 -6.70 12.55 -39.75
C LEU A 64 -6.22 13.88 -40.36
N LYS A 65 -6.99 14.47 -41.30
CA LYS A 65 -6.66 15.83 -41.82
C LYS A 65 -6.63 16.84 -40.67
N GLY A 66 -7.61 16.76 -39.78
CA GLY A 66 -7.63 17.53 -38.52
C GLY A 66 -6.31 17.43 -37.76
N ILE A 67 -5.88 16.22 -37.46
CA ILE A 67 -4.60 15.96 -36.75
C ILE A 67 -3.45 16.59 -37.52
N ILE A 68 -3.39 16.38 -38.84
CA ILE A 68 -2.24 16.86 -39.66
C ILE A 68 -2.16 18.38 -39.50
N SER A 69 -3.30 19.04 -39.55
CA SER A 69 -3.41 20.52 -39.49
C SER A 69 -2.84 21.05 -38.17
N GLU A 70 -2.79 20.21 -37.13
CA GLU A 70 -2.33 20.69 -35.80
C GLU A 70 -1.14 19.88 -35.28
N LEU A 71 -0.36 19.24 -36.14
CA LEU A 71 0.87 18.55 -35.67
C LEU A 71 1.82 19.59 -35.04
N LYS A 72 1.80 20.83 -35.52
CA LYS A 72 2.64 21.91 -34.96
C LYS A 72 2.31 22.10 -33.48
N HIS A 73 1.07 21.81 -33.05
CA HIS A 73 0.65 21.91 -31.62
C HIS A 73 1.59 21.08 -30.71
N PHE A 74 2.09 19.93 -31.17
CA PHE A 74 2.93 19.01 -30.35
C PHE A 74 4.34 19.62 -30.23
N VAL A 75 4.86 20.18 -31.31
CA VAL A 75 6.16 20.91 -31.28
C VAL A 75 6.03 22.08 -30.30
N ASP A 76 4.96 22.88 -30.41
CA ASP A 76 4.70 24.05 -29.55
C ASP A 76 4.63 23.62 -28.08
N ALA A 77 4.03 22.45 -27.77
CA ALA A 77 3.80 21.98 -26.39
C ALA A 77 5.06 21.37 -25.77
N GLY A 78 6.02 20.94 -26.60
CA GLY A 78 7.20 20.18 -26.17
C GLY A 78 6.88 18.68 -26.05
N VAL A 79 5.92 18.18 -26.84
CA VAL A 79 5.58 16.73 -26.93
C VAL A 79 6.57 16.06 -27.87
N ASP A 80 7.07 14.89 -27.51
CA ASP A 80 8.07 14.13 -28.32
C ASP A 80 7.38 13.09 -29.19
N ALA A 81 6.27 12.55 -28.70
CA ALA A 81 5.64 11.34 -29.29
C ALA A 81 4.14 11.43 -29.13
N ILE A 82 3.39 10.99 -30.16
CA ILE A 82 1.92 10.97 -30.08
C ILE A 82 1.49 9.51 -30.23
N TRP A 83 0.51 9.09 -29.44
CA TRP A 83 -0.15 7.78 -29.58
C TRP A 83 -1.61 8.09 -29.94
N MET A 84 -2.09 7.52 -31.03
CA MET A 84 -3.50 7.68 -31.43
C MET A 84 -4.30 6.47 -30.96
N SER A 85 -5.43 6.72 -30.30
CA SER A 85 -6.52 5.74 -30.11
C SER A 85 -6.95 5.24 -31.50
N PRO A 86 -7.63 4.07 -31.59
CA PRO A 86 -7.75 3.35 -32.85
C PRO A 86 -8.33 4.17 -34.02
N ILE A 87 -7.71 4.00 -35.19
CA ILE A 87 -8.13 4.70 -36.44
C ILE A 87 -8.36 3.68 -37.56
N PHE A 88 -8.49 2.39 -37.23
CA PHE A 88 -8.68 1.30 -38.22
C PHE A 88 -10.18 1.09 -38.48
N GLU A 89 -10.51 0.51 -39.64
CA GLU A 89 -11.91 0.20 -40.04
C GLU A 89 -12.66 -0.45 -38.87
N SER A 90 -13.81 0.09 -38.51
CA SER A 90 -14.54 -0.27 -37.26
C SER A 90 -15.99 0.15 -37.40
N PRO A 91 -16.96 -0.74 -37.08
CA PRO A 91 -18.36 -0.38 -36.92
C PRO A 91 -18.65 0.65 -35.83
N MET A 92 -17.65 0.96 -35.00
CA MET A 92 -17.66 2.06 -34.01
C MET A 92 -18.55 1.75 -32.79
N VAL A 93 -18.85 0.48 -32.57
CA VAL A 93 -19.59 0.03 -31.35
C VAL A 93 -18.84 0.48 -30.09
N ASP A 94 -17.53 0.33 -30.07
CA ASP A 94 -16.63 0.77 -28.95
C ASP A 94 -15.69 1.85 -29.48
N PHE A 95 -16.22 2.69 -30.37
CA PHE A 95 -15.51 3.82 -31.01
C PHE A 95 -14.05 3.48 -31.35
N GLY A 96 -13.89 2.41 -32.11
CA GLY A 96 -12.63 2.01 -32.76
C GLY A 96 -11.97 0.77 -32.15
N TYR A 97 -12.36 0.38 -30.95
CA TYR A 97 -11.75 -0.78 -30.22
C TYR A 97 -12.46 -2.06 -30.69
N ASP A 98 -13.46 -1.91 -31.57
CA ASP A 98 -14.10 -3.02 -32.34
C ASP A 98 -13.68 -2.94 -33.81
N ILE A 99 -12.63 -3.66 -34.21
CA ILE A 99 -11.93 -3.48 -35.51
C ILE A 99 -12.38 -4.57 -36.49
N SER A 100 -12.92 -4.14 -37.64
CA SER A 100 -13.40 -5.07 -38.72
C SER A 100 -12.31 -5.29 -39.78
N ASN A 101 -11.32 -4.38 -39.88
CA ASN A 101 -10.18 -4.58 -40.80
C ASN A 101 -8.95 -3.91 -40.20
N PHE A 102 -7.96 -4.71 -39.82
CA PHE A 102 -6.76 -4.22 -39.10
C PHE A 102 -5.78 -3.54 -40.07
N TYR A 103 -6.06 -3.52 -41.37
CA TYR A 103 -5.07 -3.13 -42.40
C TYR A 103 -5.52 -1.89 -43.16
N ASP A 104 -6.52 -1.16 -42.66
CA ASP A 104 -7.00 0.06 -43.37
C ASP A 104 -7.63 1.03 -42.38
N ILE A 105 -7.76 2.29 -42.82
CA ILE A 105 -8.26 3.42 -41.99
C ILE A 105 -9.79 3.46 -41.99
N HIS A 106 -10.37 3.75 -40.81
CA HIS A 106 -11.81 4.06 -40.65
C HIS A 106 -12.21 5.27 -41.53
N TYR A 107 -13.23 5.11 -42.36
CA TYR A 107 -13.58 6.07 -43.42
C TYR A 107 -13.83 7.45 -42.83
N GLU A 108 -14.50 7.53 -41.68
CA GLU A 108 -14.87 8.85 -41.07
C GLU A 108 -13.58 9.61 -40.73
N TYR A 109 -12.48 8.93 -40.48
CA TYR A 109 -11.20 9.58 -40.07
C TYR A 109 -10.38 9.92 -41.33
N GLY A 110 -10.59 9.17 -42.40
CA GLY A 110 -9.90 9.44 -43.68
C GLY A 110 -9.47 8.18 -44.40
N THR A 111 -8.37 8.29 -45.14
CA THR A 111 -7.87 7.26 -46.07
C THR A 111 -6.45 6.86 -45.64
N MET A 112 -5.96 5.73 -46.15
CA MET A 112 -4.55 5.30 -46.03
C MET A 112 -3.61 6.45 -46.45
N GLU A 113 -3.96 7.16 -47.52
CA GLU A 113 -3.14 8.31 -48.03
C GLU A 113 -3.09 9.41 -46.96
N ASP A 114 -4.22 9.73 -46.31
CA ASP A 114 -4.19 10.68 -45.15
C ASP A 114 -3.26 10.15 -44.06
N PHE A 115 -3.32 8.85 -43.74
CA PHE A 115 -2.43 8.27 -42.70
C PHE A 115 -0.96 8.47 -43.10
N GLU A 116 -0.63 8.15 -44.34
CA GLU A 116 0.78 8.25 -44.86
C GLU A 116 1.26 9.71 -44.79
N GLU A 117 0.34 10.67 -45.01
CA GLU A 117 0.66 12.12 -44.96
C GLU A 117 0.94 12.50 -43.49
N LEU A 118 0.12 11.98 -42.57
CA LEU A 118 0.26 12.21 -41.10
C LEU A 118 1.67 11.75 -40.67
N LEU A 119 2.06 10.53 -40.99
CA LEU A 119 3.40 10.00 -40.58
C LEU A 119 4.50 10.87 -41.20
N ASP A 120 4.36 11.20 -42.48
CA ASP A 120 5.34 12.02 -43.22
C ASP A 120 5.52 13.37 -42.51
N LYS A 121 4.45 14.14 -42.29
CA LYS A 121 4.56 15.48 -41.67
C LYS A 121 4.96 15.40 -40.19
N ALA A 122 4.52 14.37 -39.48
CA ALA A 122 4.87 14.17 -38.05
C ALA A 122 6.38 13.90 -37.96
N HIS A 123 6.90 13.01 -38.80
CA HIS A 123 8.35 12.70 -38.86
C HIS A 123 9.17 13.95 -39.27
N GLU A 124 8.66 14.74 -40.21
CA GLU A 124 9.36 15.99 -40.67
C GLU A 124 9.54 16.88 -39.46
N LEU A 125 8.57 16.89 -38.52
CA LEU A 125 8.61 17.76 -37.33
C LEU A 125 9.38 17.12 -36.18
N GLY A 126 9.98 15.95 -36.37
CA GLY A 126 10.78 15.24 -35.35
C GLY A 126 9.93 14.36 -34.40
N LEU A 127 8.61 14.27 -34.63
CA LEU A 127 7.66 13.56 -33.72
C LEU A 127 7.74 12.05 -33.98
N LYS A 128 7.52 11.24 -32.94
CA LYS A 128 7.30 9.78 -33.09
C LYS A 128 5.80 9.50 -33.05
N VAL A 129 5.34 8.53 -33.84
CA VAL A 129 3.89 8.21 -33.94
C VAL A 129 3.69 6.73 -33.61
N LEU A 130 2.84 6.47 -32.60
CA LEU A 130 2.45 5.13 -32.16
C LEU A 130 0.98 4.90 -32.52
N LEU A 131 0.63 3.66 -32.89
CA LEU A 131 -0.75 3.23 -33.16
C LEU A 131 -1.26 2.36 -32.01
N ASP A 132 -2.57 2.44 -31.77
CA ASP A 132 -3.29 1.57 -30.82
C ASP A 132 -3.53 0.21 -31.48
N PHE A 133 -2.83 -0.81 -30.98
CA PHE A 133 -2.95 -2.21 -31.44
C PHE A 133 -3.93 -2.91 -30.48
N VAL A 134 -4.92 -3.60 -31.06
CA VAL A 134 -6.02 -4.23 -30.30
C VAL A 134 -5.99 -5.75 -30.54
N PRO A 135 -5.02 -6.48 -29.94
CA PRO A 135 -4.86 -7.90 -30.22
C PRO A 135 -5.88 -8.83 -29.54
N ASN A 136 -6.61 -8.39 -28.48
CA ASN A 136 -7.45 -9.31 -27.69
C ASN A 136 -8.64 -9.77 -28.52
N HIS A 137 -9.21 -8.91 -29.38
CA HIS A 137 -10.57 -9.11 -29.96
C HIS A 137 -10.69 -8.43 -31.33
N ALA A 138 -11.60 -8.94 -32.14
CA ALA A 138 -12.00 -8.33 -33.44
C ALA A 138 -13.50 -8.07 -33.44
N SER A 139 -13.95 -7.13 -34.27
CA SER A 139 -15.39 -6.87 -34.57
C SER A 139 -16.00 -8.17 -35.09
N ASN A 140 -17.24 -8.42 -34.74
CA ASN A 140 -18.04 -9.52 -35.36
C ASN A 140 -18.38 -9.18 -36.82
N GLU A 141 -17.93 -8.03 -37.34
CA GLU A 141 -18.08 -7.70 -38.78
C GLU A 141 -16.75 -7.92 -39.49
N SER A 142 -15.70 -8.32 -38.78
CA SER A 142 -14.40 -8.74 -39.36
C SER A 142 -14.61 -9.97 -40.25
N GLU A 143 -13.82 -10.07 -41.34
CA GLU A 143 -13.74 -11.31 -42.15
C GLU A 143 -13.35 -12.45 -41.22
N TYR A 144 -12.40 -12.22 -40.29
CA TYR A 144 -11.92 -13.28 -39.36
C TYR A 144 -13.14 -13.98 -38.77
N PHE A 145 -14.10 -13.18 -38.25
CA PHE A 145 -15.26 -13.71 -37.50
C PHE A 145 -16.26 -14.36 -38.47
N ILE A 146 -16.63 -13.67 -39.55
CA ILE A 146 -17.61 -14.22 -40.53
C ILE A 146 -17.11 -15.58 -41.02
N LYS A 147 -15.84 -15.69 -41.38
CA LYS A 147 -15.23 -16.98 -41.81
C LYS A 147 -15.25 -17.98 -40.65
N SER A 148 -14.86 -17.55 -39.44
CA SER A 148 -14.81 -18.45 -38.26
C SER A 148 -16.17 -19.05 -37.97
N GLU A 149 -17.24 -18.22 -37.94
CA GLU A 149 -18.61 -18.62 -37.58
C GLU A 149 -19.11 -19.63 -38.63
N ALA A 150 -18.63 -19.52 -39.87
CA ALA A 150 -19.02 -20.40 -41.01
C ALA A 150 -18.11 -21.64 -41.03
N ARG A 151 -17.13 -21.70 -40.13
CA ARG A 151 -16.20 -22.85 -40.01
C ARG A 151 -15.38 -23.00 -41.30
N GLU A 152 -15.03 -21.90 -41.96
CA GLU A 152 -14.14 -21.95 -43.13
C GLU A 152 -12.78 -22.47 -42.67
N PRO A 153 -12.12 -23.36 -43.45
CA PRO A 153 -10.82 -23.90 -43.06
C PRO A 153 -9.79 -22.80 -42.76
N GLY A 154 -9.02 -22.97 -41.69
CA GLY A 154 -8.01 -22.00 -41.24
C GLY A 154 -8.59 -20.93 -40.33
N TYR A 155 -9.92 -20.85 -40.18
CA TYR A 155 -10.60 -19.80 -39.35
C TYR A 155 -11.47 -20.42 -38.27
N GLU A 156 -11.65 -21.74 -38.31
CA GLU A 156 -12.62 -22.44 -37.44
C GLU A 156 -12.28 -22.11 -35.99
N ASN A 157 -11.00 -22.15 -35.62
CA ASN A 157 -10.50 -21.99 -34.24
C ASN A 157 -9.79 -20.64 -34.05
N PHE A 158 -10.22 -19.60 -34.75
CA PHE A 158 -9.61 -18.25 -34.65
C PHE A 158 -10.11 -17.56 -33.36
N PHE A 159 -11.30 -17.91 -32.89
CA PHE A 159 -11.93 -17.32 -31.68
C PHE A 159 -12.25 -18.44 -30.70
N ILE A 160 -12.57 -18.10 -29.46
CA ILE A 160 -12.92 -19.08 -28.40
C ILE A 160 -14.37 -19.47 -28.65
N TRP A 161 -14.58 -20.69 -29.19
CA TRP A 161 -15.91 -21.30 -29.43
C TRP A 161 -16.09 -22.47 -28.47
N ALA A 162 -17.24 -22.54 -27.82
CA ALA A 162 -17.52 -23.59 -26.82
C ALA A 162 -18.94 -24.13 -26.97
N ASP A 163 -19.12 -25.41 -26.67
CA ASP A 163 -20.47 -26.03 -26.57
C ASP A 163 -21.16 -25.51 -25.31
N PRO A 164 -22.51 -25.60 -25.25
CA PRO A 164 -23.24 -25.33 -24.01
C PRO A 164 -22.75 -26.31 -22.94
N LEU A 165 -22.85 -25.92 -21.67
CA LEU A 165 -22.39 -26.78 -20.53
C LEU A 165 -23.41 -27.92 -20.46
N PRO A 166 -22.97 -29.20 -20.48
CA PRO A 166 -23.89 -30.33 -20.28
C PRO A 166 -24.76 -30.07 -19.04
N ASN A 167 -26.05 -30.37 -19.16
CA ASN A 167 -27.10 -30.13 -18.12
C ASN A 167 -27.68 -31.49 -17.71
N PRO A 168 -27.03 -32.26 -16.82
CA PRO A 168 -27.55 -33.58 -16.43
C PRO A 168 -28.87 -33.44 -15.63
N GLU A 169 -29.13 -32.30 -14.99
CA GLU A 169 -30.42 -32.07 -14.28
C GLU A 169 -31.60 -32.02 -15.27
N ASN A 170 -31.45 -31.36 -16.43
CA ASN A 170 -32.50 -31.33 -17.49
C ASN A 170 -31.81 -31.27 -18.83
N PRO A 171 -31.46 -32.45 -19.42
CA PRO A 171 -30.66 -32.49 -20.64
C PRO A 171 -31.25 -31.62 -21.77
N GLY A 172 -30.37 -30.90 -22.48
CA GLY A 172 -30.73 -30.02 -23.61
C GLY A 172 -31.33 -28.69 -23.17
N VAL A 173 -31.47 -28.41 -21.88
CA VAL A 173 -31.63 -26.99 -21.43
C VAL A 173 -30.28 -26.28 -21.57
N ARG A 174 -30.25 -25.23 -22.38
CA ARG A 174 -29.00 -24.62 -22.87
C ARG A 174 -28.40 -23.76 -21.75
N LEU A 175 -27.19 -24.09 -21.31
CA LEU A 175 -26.42 -23.32 -20.30
C LEU A 175 -25.18 -22.75 -20.96
N PRO A 176 -24.71 -21.55 -20.53
CA PRO A 176 -23.43 -21.04 -21.02
C PRO A 176 -22.30 -21.94 -20.52
N PRO A 177 -21.12 -21.91 -21.19
CA PRO A 177 -20.01 -22.76 -20.78
C PRO A 177 -19.56 -22.48 -19.35
N SER A 178 -19.67 -21.22 -18.90
CA SER A 178 -19.31 -20.81 -17.52
C SER A 178 -20.07 -19.56 -17.12
N ASN A 179 -19.81 -19.09 -15.90
CA ASN A 179 -20.50 -17.92 -15.31
C ASN A 179 -19.75 -16.61 -15.68
N TRP A 180 -18.80 -16.67 -16.61
CA TRP A 180 -17.90 -15.50 -16.83
C TRP A 180 -18.72 -14.27 -17.22
N VAL A 181 -18.30 -13.08 -16.73
CA VAL A 181 -18.98 -11.78 -16.92
C VAL A 181 -18.10 -10.86 -17.78
N SER A 182 -18.73 -10.24 -18.78
CA SER A 182 -18.17 -9.21 -19.69
C SER A 182 -17.87 -7.93 -18.89
N GLN A 183 -16.76 -7.27 -19.29
CA GLN A 183 -16.36 -5.93 -18.77
C GLN A 183 -17.44 -4.86 -19.01
N PHE A 184 -18.34 -5.08 -19.98
CA PHE A 184 -19.43 -4.15 -20.36
C PHE A 184 -20.80 -4.72 -19.92
N GLY A 185 -20.80 -5.66 -18.97
CA GLY A 185 -22.02 -6.20 -18.33
C GLY A 185 -22.61 -7.35 -19.13
N GLY A 186 -23.34 -8.25 -18.46
CA GLY A 186 -23.94 -9.44 -19.09
C GLY A 186 -22.93 -10.58 -19.17
N SER A 187 -23.38 -11.76 -19.56
CA SER A 187 -22.50 -12.91 -19.80
C SER A 187 -21.40 -12.55 -20.80
N ALA A 188 -20.23 -13.16 -20.65
CA ALA A 188 -19.08 -13.09 -21.58
C ALA A 188 -19.24 -14.13 -22.68
N TRP A 189 -20.35 -14.85 -22.69
CA TRP A 189 -20.63 -15.87 -23.74
C TRP A 189 -21.89 -15.49 -24.54
N GLU A 190 -21.78 -15.49 -25.86
CA GLU A 190 -22.87 -15.13 -26.80
C GLU A 190 -23.18 -16.35 -27.68
N TRP A 191 -24.45 -16.73 -27.71
CA TRP A 191 -24.94 -17.82 -28.59
C TRP A 191 -24.89 -17.41 -30.06
N SER A 192 -24.21 -18.22 -30.90
CA SER A 192 -24.31 -18.23 -32.39
C SER A 192 -25.37 -19.26 -32.82
N GLU A 193 -26.49 -18.82 -33.38
CA GLU A 193 -27.52 -19.75 -33.96
C GLU A 193 -26.89 -20.55 -35.10
N LYS A 194 -26.06 -19.90 -35.92
CA LYS A 194 -25.46 -20.49 -37.14
C LYS A 194 -24.53 -21.63 -36.73
N ARG A 195 -23.68 -21.41 -35.73
CA ARG A 195 -22.62 -22.37 -35.40
C ARG A 195 -23.11 -23.33 -34.30
N GLN A 196 -24.20 -22.99 -33.58
CA GLN A 196 -24.75 -23.80 -32.46
C GLN A 196 -23.67 -23.95 -31.39
N GLN A 197 -22.98 -22.85 -31.08
CA GLN A 197 -21.94 -22.80 -30.04
C GLN A 197 -21.94 -21.38 -29.50
N TYR A 198 -21.35 -21.17 -28.34
CA TYR A 198 -21.12 -19.84 -27.73
C TYR A 198 -19.76 -19.33 -28.21
N TYR A 199 -19.62 -18.02 -28.42
CA TYR A 199 -18.29 -17.40 -28.51
C TYR A 199 -18.01 -16.53 -27.27
N LEU A 200 -16.72 -16.35 -26.98
CA LEU A 200 -16.30 -15.51 -25.84
C LEU A 200 -16.14 -14.06 -26.31
N HIS A 201 -16.70 -13.14 -25.54
CA HIS A 201 -16.42 -11.68 -25.61
C HIS A 201 -16.18 -11.16 -24.19
N GLN A 202 -14.94 -10.84 -23.86
CA GLN A 202 -14.68 -10.12 -22.58
C GLN A 202 -15.26 -8.69 -22.64
N PHE A 203 -15.38 -8.09 -23.83
CA PHE A 203 -15.89 -6.71 -23.99
C PHE A 203 -17.30 -6.82 -24.59
N ALA A 204 -17.64 -6.04 -25.60
CA ALA A 204 -19.03 -5.98 -26.12
C ALA A 204 -19.34 -7.30 -26.82
N ILE A 205 -20.63 -7.60 -26.98
CA ILE A 205 -21.09 -8.75 -27.82
C ILE A 205 -20.35 -8.69 -29.17
N GLN A 206 -20.13 -7.49 -29.68
CA GLN A 206 -19.51 -7.28 -31.01
C GLN A 206 -17.98 -7.40 -31.01
N GLN A 207 -17.33 -7.55 -29.85
CA GLN A 207 -15.87 -7.71 -29.74
C GLN A 207 -15.56 -9.16 -29.40
N VAL A 208 -15.07 -9.96 -30.36
CA VAL A 208 -14.94 -11.44 -30.22
C VAL A 208 -13.50 -11.78 -29.86
N ASP A 209 -13.29 -12.50 -28.75
CA ASP A 209 -11.94 -12.85 -28.23
C ASP A 209 -11.25 -13.84 -29.17
N PHE A 210 -10.09 -13.49 -29.68
CA PHE A 210 -9.22 -14.41 -30.45
C PHE A 210 -8.72 -15.54 -29.54
N ASP A 211 -8.38 -16.69 -30.12
CA ASP A 211 -7.76 -17.80 -29.37
C ASP A 211 -6.22 -17.70 -29.46
N PHE A 212 -5.57 -17.22 -28.38
CA PHE A 212 -4.11 -17.00 -28.34
C PHE A 212 -3.33 -18.30 -28.09
N ARG A 213 -3.99 -19.47 -28.05
CA ARG A 213 -3.29 -20.77 -28.10
C ARG A 213 -3.29 -21.30 -29.54
N ASN A 214 -3.95 -20.61 -30.48
CA ASN A 214 -3.92 -20.94 -31.93
C ASN A 214 -2.71 -20.26 -32.57
N PRO A 215 -1.70 -21.03 -33.06
CA PRO A 215 -0.54 -20.42 -33.69
C PRO A 215 -0.87 -19.53 -34.90
N ALA A 216 -1.97 -19.79 -35.62
CA ALA A 216 -2.42 -18.94 -36.75
C ALA A 216 -2.79 -17.53 -36.24
N VAL A 217 -3.46 -17.45 -35.08
CA VAL A 217 -3.83 -16.14 -34.45
C VAL A 217 -2.53 -15.37 -34.10
N LYS A 218 -1.59 -16.04 -33.45
CA LYS A 218 -0.29 -15.44 -33.06
C LYS A 218 0.45 -14.96 -34.31
N GLN A 219 0.45 -15.75 -35.38
CA GLN A 219 1.08 -15.34 -36.66
C GLN A 219 0.38 -14.05 -37.15
N GLU A 220 -0.95 -14.00 -37.11
CA GLU A 220 -1.73 -12.85 -37.65
C GLU A 220 -1.35 -11.58 -36.87
N MET A 221 -1.06 -11.68 -35.56
CA MET A 221 -0.65 -10.48 -34.78
C MET A 221 0.69 -9.94 -35.29
N PHE A 222 1.66 -10.81 -35.58
CA PHE A 222 2.94 -10.37 -36.21
C PHE A 222 2.65 -9.72 -37.57
N ASN A 223 1.74 -10.30 -38.35
CA ASN A 223 1.42 -9.82 -39.73
C ASN A 223 0.90 -8.38 -39.62
N ILE A 224 -0.01 -8.12 -38.64
CA ILE A 224 -0.59 -6.76 -38.46
C ILE A 224 0.52 -5.79 -38.08
N MET A 225 1.33 -6.14 -37.09
CA MET A 225 2.34 -5.18 -36.57
C MET A 225 3.36 -4.91 -37.70
N LYS A 226 3.78 -5.94 -38.41
CA LYS A 226 4.77 -5.76 -39.52
C LYS A 226 4.20 -4.79 -40.54
N PHE A 227 2.95 -4.97 -40.94
CA PHE A 227 2.30 -4.06 -41.91
C PHE A 227 2.46 -2.60 -41.49
N TRP A 228 2.08 -2.26 -40.25
CA TRP A 228 2.10 -0.85 -39.79
C TRP A 228 3.53 -0.37 -39.51
N LEU A 229 4.45 -1.24 -39.08
CA LEU A 229 5.87 -0.83 -38.90
C LEU A 229 6.46 -0.52 -40.30
N ASP A 230 6.10 -1.30 -41.31
CA ASP A 230 6.57 -1.10 -42.72
C ASP A 230 6.07 0.25 -43.25
N LYS A 231 4.90 0.71 -42.86
CA LYS A 231 4.39 2.07 -43.21
C LYS A 231 5.21 3.18 -42.54
N GLY A 232 5.94 2.85 -41.46
CA GLY A 232 6.84 3.74 -40.71
C GLY A 232 6.34 4.10 -39.32
N ALA A 233 5.41 3.34 -38.71
CA ALA A 233 4.91 3.62 -37.33
C ALA A 233 6.11 3.44 -36.40
N ASP A 234 6.20 4.24 -35.33
CA ASP A 234 7.33 4.19 -34.38
C ASP A 234 7.01 3.20 -33.25
N GLY A 235 5.85 2.54 -33.32
CA GLY A 235 5.48 1.43 -32.42
C GLY A 235 4.00 1.45 -32.06
N PHE A 236 3.66 0.79 -30.94
CA PHE A 236 2.25 0.46 -30.58
C PHE A 236 2.00 0.66 -29.09
N ARG A 237 0.80 1.15 -28.78
CA ARG A 237 0.17 0.99 -27.46
C ARG A 237 -0.65 -0.31 -27.56
N LEU A 238 -0.44 -1.26 -26.65
CA LEU A 238 -1.12 -2.58 -26.67
C LEU A 238 -2.34 -2.60 -25.74
N ASP A 239 -3.53 -2.79 -26.30
CA ASP A 239 -4.85 -2.76 -25.64
C ASP A 239 -5.16 -4.07 -24.89
N ALA A 240 -5.62 -3.95 -23.64
CA ALA A 240 -6.43 -4.96 -22.93
C ALA A 240 -5.63 -6.24 -22.63
N LEU A 241 -4.35 -6.13 -22.34
CA LEU A 241 -3.45 -7.32 -22.32
C LEU A 241 -3.82 -8.25 -21.16
N PRO A 242 -4.32 -7.79 -19.98
CA PRO A 242 -4.65 -8.75 -18.91
C PRO A 242 -5.68 -9.80 -19.38
N TYR A 243 -6.46 -9.51 -20.40
CA TYR A 243 -7.59 -10.38 -20.85
C TYR A 243 -7.19 -11.29 -22.01
N LEU A 244 -5.91 -11.37 -22.40
CA LEU A 244 -5.53 -12.10 -23.62
C LEU A 244 -6.01 -13.56 -23.50
N ILE A 245 -5.58 -14.25 -22.45
CA ILE A 245 -5.73 -15.73 -22.34
C ILE A 245 -6.65 -16.07 -21.16
N GLU A 246 -7.46 -17.11 -21.36
CA GLU A 246 -8.40 -17.68 -20.34
C GLU A 246 -8.08 -19.18 -20.14
N ALA A 247 -8.57 -19.72 -19.05
CA ALA A 247 -8.35 -21.12 -18.66
C ALA A 247 -8.62 -22.04 -19.85
N ASP A 248 -7.69 -22.96 -20.10
CA ASP A 248 -7.85 -24.06 -21.07
C ASP A 248 -8.81 -25.11 -20.49
N PRO A 249 -9.90 -25.50 -21.19
CA PRO A 249 -10.81 -26.52 -20.66
C PRO A 249 -10.13 -27.86 -20.40
N ALA A 250 -9.04 -28.15 -21.10
CA ALA A 250 -8.24 -29.38 -20.93
C ALA A 250 -7.67 -29.48 -19.51
N ASP A 251 -7.59 -28.38 -18.75
CA ASP A 251 -7.06 -28.36 -17.37
C ASP A 251 -8.21 -28.40 -16.35
N HIS A 252 -9.47 -28.42 -16.80
CA HIS A 252 -10.67 -28.37 -15.92
C HIS A 252 -11.67 -29.46 -16.35
N GLU A 253 -11.16 -30.64 -16.74
CA GLU A 253 -12.00 -31.84 -17.01
C GLU A 253 -12.86 -31.58 -18.24
N GLY A 254 -12.33 -30.83 -19.22
CA GLY A 254 -12.99 -30.52 -20.49
C GLY A 254 -14.17 -29.57 -20.32
N ARG A 255 -14.22 -28.70 -19.31
CA ARG A 255 -15.13 -27.55 -19.30
C ARG A 255 -14.36 -26.24 -19.07
N TYR A 256 -14.99 -25.12 -19.35
CA TYR A 256 -14.49 -23.79 -18.92
C TYR A 256 -14.90 -23.65 -17.47
N PRO A 257 -13.94 -23.42 -16.55
CA PRO A 257 -14.25 -23.32 -15.13
C PRO A 257 -14.95 -22.02 -14.80
N ASP A 258 -15.92 -22.06 -13.88
CA ASP A 258 -16.55 -20.85 -13.36
C ASP A 258 -15.47 -20.02 -12.66
N ASP A 259 -15.56 -18.70 -12.81
CA ASP A 259 -14.78 -17.75 -11.98
C ASP A 259 -15.39 -17.79 -10.59
N PRO A 260 -14.59 -17.61 -9.51
CA PRO A 260 -15.13 -17.51 -8.16
C PRO A 260 -16.15 -16.37 -8.04
N LEU A 261 -17.14 -16.53 -7.16
CA LEU A 261 -18.09 -15.45 -6.80
C LEU A 261 -17.42 -14.48 -5.81
N SER A 262 -17.68 -13.19 -5.96
CA SER A 262 -17.18 -12.10 -5.08
C SER A 262 -17.97 -12.05 -3.76
N GLY A 263 -19.26 -12.39 -3.77
CA GLY A 263 -20.11 -12.31 -2.58
C GLY A 263 -20.66 -10.92 -2.34
N LEU A 264 -20.24 -9.91 -3.12
CA LEU A 264 -20.70 -8.50 -2.98
C LEU A 264 -22.19 -8.39 -3.39
N THR A 265 -23.06 -8.08 -2.43
CA THR A 265 -24.54 -8.20 -2.54
C THR A 265 -25.08 -7.15 -3.53
N GLN A 266 -24.34 -6.09 -3.84
CA GLN A 266 -24.81 -5.04 -4.78
C GLN A 266 -24.70 -5.54 -6.23
N PHE A 267 -24.16 -6.74 -6.47
CA PHE A 267 -23.93 -7.27 -7.84
C PHE A 267 -24.73 -8.57 -8.08
N GLU A 268 -25.68 -8.51 -9.00
CA GLU A 268 -26.37 -9.74 -9.50
C GLU A 268 -25.53 -10.40 -10.60
N SER A 269 -25.91 -11.63 -11.00
CA SER A 269 -25.11 -12.57 -11.82
C SER A 269 -24.78 -11.97 -13.20
N HIS A 270 -25.51 -10.97 -13.64
CA HIS A 270 -25.31 -10.34 -14.97
C HIS A 270 -24.41 -9.09 -14.81
N GLN A 271 -23.94 -8.78 -13.59
CA GLN A 271 -23.30 -7.46 -13.30
C GLN A 271 -21.81 -7.66 -13.06
N LEU A 272 -20.98 -6.84 -13.72
CA LEU A 272 -19.51 -6.81 -13.50
C LEU A 272 -19.27 -6.53 -12.02
N GLY A 273 -18.50 -7.39 -11.36
CA GLY A 273 -18.28 -7.36 -9.90
C GLY A 273 -18.78 -8.64 -9.23
N TYR A 274 -19.70 -9.36 -9.89
CA TYR A 274 -20.29 -10.64 -9.40
C TYR A 274 -19.20 -11.71 -9.27
N THR A 275 -18.19 -11.70 -10.14
CA THR A 275 -17.11 -12.72 -10.17
C THR A 275 -15.75 -12.08 -9.86
N ILE A 276 -14.80 -12.91 -9.46
CA ILE A 276 -13.33 -12.64 -9.34
C ILE A 276 -12.66 -13.30 -10.55
N PRO A 277 -11.98 -12.52 -11.42
CA PRO A 277 -11.53 -13.03 -12.72
C PRO A 277 -10.29 -13.93 -12.62
N LEU A 278 -10.37 -15.01 -11.83
CA LEU A 278 -9.20 -15.92 -11.59
C LEU A 278 -8.80 -16.64 -12.88
N TYR A 279 -9.78 -17.06 -13.70
CA TYR A 279 -9.55 -17.92 -14.88
C TYR A 279 -9.66 -17.11 -16.17
N THR A 280 -9.90 -15.79 -16.07
CA THR A 280 -10.21 -14.94 -17.25
C THR A 280 -9.27 -13.72 -17.34
N LYS A 281 -8.40 -13.50 -16.37
CA LYS A 281 -7.54 -12.28 -16.35
C LYS A 281 -6.19 -12.59 -15.67
N ASP A 282 -5.11 -12.03 -16.23
CA ASP A 282 -3.74 -12.01 -15.65
C ASP A 282 -3.12 -13.41 -15.72
N LEU A 283 -3.54 -14.29 -16.64
CA LEU A 283 -2.94 -15.63 -16.73
C LEU A 283 -1.46 -15.52 -17.12
N ILE A 284 -0.61 -16.34 -16.53
CA ILE A 284 0.87 -16.29 -16.70
C ILE A 284 1.20 -16.45 -18.19
N GLU A 285 0.41 -17.25 -18.94
CA GLU A 285 0.63 -17.49 -20.38
C GLU A 285 0.60 -16.18 -21.20
N LEU A 286 -0.21 -15.19 -20.81
CA LEU A 286 -0.32 -13.91 -21.60
C LEU A 286 1.07 -13.27 -21.75
N TYR A 287 1.88 -13.32 -20.70
CA TYR A 287 3.19 -12.64 -20.64
C TYR A 287 4.12 -13.26 -21.71
N ASP A 288 3.98 -14.56 -21.97
CA ASP A 288 4.85 -15.27 -22.95
C ASP A 288 4.56 -14.71 -24.34
N VAL A 289 3.30 -14.34 -24.62
CA VAL A 289 2.92 -13.68 -25.91
C VAL A 289 3.59 -12.30 -25.97
N VAL A 290 3.52 -11.53 -24.89
CA VAL A 290 4.19 -10.20 -24.82
C VAL A 290 5.68 -10.36 -25.09
N TYR A 291 6.37 -11.31 -24.43
CA TYR A 291 7.83 -11.48 -24.60
C TYR A 291 8.12 -11.83 -26.08
N GLU A 292 7.24 -12.61 -26.72
CA GLU A 292 7.36 -12.99 -28.16
C GLU A 292 7.24 -11.75 -29.04
N TRP A 293 6.32 -10.85 -28.69
CA TRP A 293 6.13 -9.58 -29.42
C TRP A 293 7.40 -8.73 -29.28
N ARG A 294 8.01 -8.70 -28.09
CA ARG A 294 9.21 -7.85 -27.87
C ARG A 294 10.40 -8.46 -28.65
N GLU A 295 10.50 -9.79 -28.70
CA GLU A 295 11.59 -10.50 -29.43
C GLU A 295 11.47 -10.16 -30.93
N PHE A 296 10.27 -10.18 -31.50
CA PHE A 296 9.98 -9.79 -32.91
C PHE A 296 10.34 -8.32 -33.14
N LEU A 297 10.01 -7.44 -32.19
CA LEU A 297 10.22 -5.99 -32.33
C LEU A 297 11.73 -5.69 -32.24
N ASP A 298 12.46 -6.42 -31.40
CA ASP A 298 13.93 -6.26 -31.25
C ASP A 298 14.59 -6.67 -32.57
N GLU A 299 14.13 -7.74 -33.19
CA GLU A 299 14.67 -8.26 -34.47
C GLU A 299 14.34 -7.25 -35.59
N TYR A 300 13.17 -6.62 -35.56
CA TYR A 300 12.77 -5.61 -36.56
C TYR A 300 13.69 -4.39 -36.39
N ASN A 301 13.90 -3.90 -35.16
CA ASN A 301 14.74 -2.68 -34.92
C ASN A 301 16.16 -2.98 -35.40
N LYS A 302 16.63 -4.20 -35.20
CA LYS A 302 18.02 -4.59 -35.49
C LYS A 302 18.21 -4.59 -37.01
N ASN A 303 17.24 -5.12 -37.74
CA ASN A 303 17.30 -5.34 -39.22
C ASN A 303 16.95 -4.07 -39.99
N HIS A 304 16.24 -3.10 -39.39
CA HIS A 304 15.80 -1.88 -40.12
C HIS A 304 16.56 -0.63 -39.67
N GLY A 305 17.23 -0.67 -38.51
CA GLY A 305 17.92 0.52 -37.98
C GLY A 305 16.96 1.70 -37.86
N GLY A 306 17.49 2.93 -37.79
CA GLY A 306 16.72 4.16 -37.53
C GLY A 306 16.26 4.21 -36.08
N ASP A 307 15.24 5.02 -35.78
CA ASP A 307 14.77 5.21 -34.37
C ASP A 307 14.19 3.90 -33.82
N THR A 308 14.55 3.51 -32.59
CA THR A 308 13.93 2.35 -31.87
C THR A 308 12.41 2.42 -31.97
N ARG A 309 11.80 1.33 -32.39
CA ARG A 309 10.34 1.11 -32.35
C ARG A 309 9.98 0.41 -31.03
N VAL A 310 8.90 0.84 -30.40
CA VAL A 310 8.58 0.47 -28.98
C VAL A 310 7.16 -0.06 -28.85
N VAL A 311 6.91 -0.78 -27.75
CA VAL A 311 5.53 -1.15 -27.30
C VAL A 311 5.36 -0.74 -25.84
N PHE A 312 4.29 -0.01 -25.59
CA PHE A 312 3.79 0.42 -24.26
C PHE A 312 2.49 -0.36 -24.06
N SER A 313 2.40 -1.18 -23.00
CA SER A 313 1.25 -2.08 -22.74
C SER A 313 0.23 -1.39 -21.80
N GLU A 314 -1.04 -1.64 -22.05
CA GLU A 314 -2.19 -1.19 -21.21
C GLU A 314 -2.70 -2.41 -20.42
N GLY A 315 -2.73 -2.30 -19.09
CA GLY A 315 -3.36 -3.30 -18.21
C GLY A 315 -3.53 -2.75 -16.80
N TYR A 316 -4.75 -2.76 -16.29
CA TYR A 316 -5.08 -2.46 -14.87
C TYR A 316 -4.99 -3.81 -14.13
N ALA A 317 -4.00 -3.93 -13.26
CA ALA A 317 -3.72 -5.16 -12.52
C ALA A 317 -2.98 -4.79 -11.24
N ASN A 318 -2.80 -5.72 -10.31
CA ASN A 318 -2.02 -5.45 -9.09
C ASN A 318 -0.54 -5.24 -9.48
N VAL A 319 0.28 -4.86 -8.50
CA VAL A 319 1.68 -4.44 -8.75
C VAL A 319 2.50 -5.61 -9.31
N SER A 320 2.37 -6.85 -8.78
CA SER A 320 3.14 -8.02 -9.26
C SER A 320 2.81 -8.27 -10.72
N MET A 321 1.52 -8.32 -11.06
CA MET A 321 1.07 -8.63 -12.43
C MET A 321 1.44 -7.47 -13.39
N THR A 322 1.47 -6.24 -12.90
CA THR A 322 1.85 -5.04 -13.71
C THR A 322 3.36 -5.13 -14.06
N MET A 323 4.21 -5.42 -13.08
CA MET A 323 5.68 -5.42 -13.29
C MET A 323 6.12 -6.58 -14.20
N LEU A 324 5.36 -7.66 -14.30
CA LEU A 324 5.68 -8.80 -15.19
C LEU A 324 5.65 -8.37 -16.65
N TYR A 325 4.98 -7.26 -17.00
CA TYR A 325 5.01 -6.71 -18.38
C TYR A 325 6.41 -6.25 -18.78
N TYR A 326 7.24 -5.77 -17.83
CA TYR A 326 8.62 -5.35 -18.16
C TYR A 326 9.45 -6.59 -18.56
N GLY A 327 9.18 -7.73 -17.93
CA GLY A 327 10.01 -8.94 -18.01
C GLY A 327 9.88 -9.77 -16.76
N ASN A 328 10.66 -10.83 -16.65
CA ASN A 328 10.54 -11.81 -15.54
C ASN A 328 11.93 -12.19 -15.02
N GLU A 329 11.99 -13.01 -13.97
CA GLU A 329 13.23 -13.35 -13.24
C GLU A 329 14.16 -14.18 -14.15
N ASP A 330 13.60 -14.93 -15.11
CA ASP A 330 14.34 -15.77 -16.08
C ASP A 330 15.05 -14.93 -17.15
N GLY A 331 14.88 -13.60 -17.18
CA GLY A 331 15.57 -12.71 -18.13
C GLY A 331 14.74 -12.40 -19.37
N ALA A 332 13.51 -12.92 -19.48
CA ALA A 332 12.60 -12.53 -20.60
C ALA A 332 12.34 -11.03 -20.49
N ILE A 333 12.20 -10.37 -21.65
CA ILE A 333 11.98 -8.91 -21.79
C ILE A 333 10.60 -8.69 -22.43
N GLY A 334 9.78 -7.80 -21.86
CA GLY A 334 8.45 -7.49 -22.41
C GLY A 334 8.32 -6.10 -22.98
N ALA A 335 7.24 -5.40 -22.62
CA ALA A 335 6.96 -4.07 -23.14
C ALA A 335 8.10 -3.15 -22.69
N HIS A 336 8.40 -2.16 -23.49
CA HIS A 336 9.33 -1.08 -23.07
C HIS A 336 8.86 -0.54 -21.71
N PHE A 337 7.55 -0.33 -21.53
CA PHE A 337 6.95 -0.26 -20.17
C PHE A 337 5.47 -0.60 -20.22
N PRO A 338 4.93 -1.18 -19.14
CA PRO A 338 3.49 -1.07 -18.87
C PRO A 338 3.11 0.31 -18.33
N PHE A 339 1.95 0.84 -18.74
CA PHE A 339 1.45 2.12 -18.21
C PHE A 339 1.29 2.00 -16.68
N ASN A 340 1.76 3.05 -15.99
CA ASN A 340 1.51 3.34 -14.56
C ASN A 340 0.21 4.17 -14.44
N PHE A 341 -0.88 3.54 -14.01
CA PHE A 341 -2.22 4.16 -13.78
C PHE A 341 -2.46 4.60 -12.32
N ASP A 342 -1.41 4.62 -11.46
CA ASP A 342 -1.57 4.96 -10.01
C ASP A 342 -2.25 6.32 -9.81
N PHE A 343 -1.98 7.37 -10.61
CA PHE A 343 -2.63 8.69 -10.42
C PHE A 343 -4.10 8.67 -10.87
N ILE A 344 -4.55 7.60 -11.50
CA ILE A 344 -5.99 7.36 -11.84
C ILE A 344 -6.61 6.50 -10.75
N THR A 345 -5.97 5.40 -10.37
CA THR A 345 -6.57 4.33 -9.52
C THR A 345 -6.43 4.69 -8.04
N ASP A 346 -5.37 5.37 -7.61
CA ASP A 346 -4.93 5.33 -6.19
C ASP A 346 -4.78 6.73 -5.61
N LEU A 347 -4.90 7.79 -6.43
CA LEU A 347 -4.89 9.18 -5.90
C LEU A 347 -6.13 9.92 -6.43
N SER A 348 -6.61 10.87 -5.65
CA SER A 348 -7.76 11.74 -6.03
C SER A 348 -7.76 12.99 -5.16
N SER A 349 -8.81 13.81 -5.26
CA SER A 349 -9.04 14.96 -4.36
C SER A 349 -9.17 14.50 -2.90
N LYS A 350 -9.40 13.23 -2.59
CA LYS A 350 -9.45 12.75 -1.18
C LYS A 350 -8.04 12.55 -0.61
N SER A 351 -7.00 12.55 -1.45
CA SER A 351 -5.63 12.19 -1.08
C SER A 351 -4.96 13.39 -0.38
N ASN A 352 -4.12 13.12 0.60
CA ASN A 352 -3.28 14.16 1.22
C ASN A 352 -1.84 13.99 0.74
N ALA A 353 -0.91 14.83 1.21
CA ALA A 353 0.49 14.85 0.73
C ALA A 353 1.19 13.51 1.03
N ARG A 354 0.88 12.89 2.14
CA ARG A 354 1.50 11.59 2.55
C ARG A 354 0.99 10.49 1.58
N ASP A 355 -0.26 10.58 1.14
CA ASP A 355 -0.81 9.64 0.13
C ASP A 355 -0.04 9.83 -1.19
N PHE A 356 0.14 11.08 -1.62
CA PHE A 356 0.86 11.38 -2.87
C PHE A 356 2.25 10.73 -2.82
N VAL A 357 3.01 10.92 -1.72
CA VAL A 357 4.38 10.41 -1.59
C VAL A 357 4.33 8.87 -1.64
N TYR A 358 3.44 8.29 -0.86
CA TYR A 358 3.41 6.82 -0.71
C TYR A 358 3.01 6.14 -2.03
N ILE A 359 2.12 6.74 -2.82
CA ILE A 359 1.70 6.16 -4.16
C ILE A 359 2.82 6.36 -5.20
N ILE A 360 3.48 7.54 -5.24
CA ILE A 360 4.62 7.81 -6.14
C ILE A 360 5.72 6.78 -5.89
N LEU A 361 5.99 6.49 -4.62
CA LEU A 361 7.06 5.54 -4.24
C LEU A 361 6.72 4.12 -4.67
N ARG A 362 5.45 3.80 -4.94
CA ARG A 362 5.09 2.41 -5.29
C ARG A 362 5.74 1.98 -6.62
N TRP A 363 5.54 2.72 -7.70
CA TRP A 363 6.22 2.37 -8.98
C TRP A 363 7.73 2.31 -8.79
N LEU A 364 8.31 3.34 -8.16
CA LEU A 364 9.77 3.46 -8.04
C LEU A 364 10.35 2.39 -7.13
N THR A 365 9.60 1.85 -6.17
CA THR A 365 10.06 0.74 -5.32
C THR A 365 9.95 -0.59 -6.04
N TYR A 366 8.90 -0.81 -6.83
CA TYR A 366 8.58 -2.16 -7.36
C TYR A 366 9.14 -2.39 -8.77
N MET A 367 9.50 -1.34 -9.49
CA MET A 367 9.91 -1.44 -10.90
C MET A 367 11.30 -2.10 -10.93
N PRO A 368 11.51 -3.09 -11.82
CA PRO A 368 12.82 -3.75 -11.91
C PRO A 368 13.94 -2.74 -12.19
N TYR A 369 15.13 -3.00 -11.68
CA TYR A 369 16.36 -2.22 -11.93
C TYR A 369 16.61 -2.20 -13.46
N GLY A 370 16.86 -1.02 -14.02
CA GLY A 370 16.96 -0.78 -15.47
C GLY A 370 15.61 -0.43 -16.14
N GLY A 371 14.48 -0.63 -15.46
CA GLY A 371 13.16 -0.25 -15.97
C GLY A 371 13.04 1.24 -16.14
N ILE A 372 12.27 1.68 -17.13
CA ILE A 372 11.92 3.10 -17.34
C ILE A 372 10.59 3.36 -16.67
N PRO A 373 10.54 4.29 -15.70
CA PRO A 373 9.26 4.66 -15.11
C PRO A 373 8.44 5.55 -16.06
N ASN A 374 7.12 5.55 -15.86
CA ASN A 374 6.16 6.39 -16.64
C ASN A 374 5.07 6.83 -15.67
N TRP A 375 4.36 7.92 -16.01
CA TRP A 375 3.31 8.52 -15.14
C TRP A 375 2.11 8.90 -16.02
N VAL A 376 0.96 8.29 -15.75
CA VAL A 376 -0.29 8.55 -16.49
C VAL A 376 -1.28 9.21 -15.53
N PHE A 377 -1.84 10.36 -15.93
CA PHE A 377 -2.78 11.18 -15.13
C PHE A 377 -4.20 11.12 -15.73
N GLY A 378 -4.34 10.52 -16.88
CA GLY A 378 -5.62 10.45 -17.60
C GLY A 378 -5.60 9.63 -18.87
N ASN A 379 -6.81 9.32 -19.34
CA ASN A 379 -7.03 8.67 -20.67
C ASN A 379 -8.51 8.76 -21.01
N HIS A 380 -8.89 8.24 -22.18
CA HIS A 380 -10.27 8.27 -22.72
C HIS A 380 -11.21 7.36 -21.92
N ASP A 381 -10.74 6.61 -20.92
CA ASP A 381 -11.59 5.64 -20.18
C ASP A 381 -11.91 6.15 -18.78
N ASN A 382 -11.34 7.29 -18.36
CA ASN A 382 -11.38 7.77 -16.96
C ASN A 382 -11.74 9.25 -16.94
N ASN A 383 -12.21 9.74 -15.81
CA ASN A 383 -12.57 11.17 -15.65
C ASN A 383 -11.30 12.00 -15.86
N ARG A 384 -11.46 13.24 -16.28
CA ARG A 384 -10.31 14.10 -16.62
C ARG A 384 -9.58 14.49 -15.35
N MET A 385 -8.28 14.67 -15.45
CA MET A 385 -7.36 15.00 -14.31
C MET A 385 -7.94 16.08 -13.37
N PRO A 386 -8.35 17.27 -13.85
CA PRO A 386 -8.90 18.33 -12.96
C PRO A 386 -10.23 18.00 -12.27
N THR A 387 -10.99 17.03 -12.82
CA THR A 387 -12.26 16.56 -12.21
C THR A 387 -11.96 15.53 -11.12
N ARG A 388 -10.99 14.64 -11.33
CA ARG A 388 -10.67 13.58 -10.34
C ARG A 388 -10.02 14.28 -9.14
N PHE A 389 -9.22 15.30 -9.39
CA PHE A 389 -8.53 16.13 -8.37
C PHE A 389 -9.36 17.41 -8.14
N ARG A 390 -8.75 18.59 -8.26
CA ARG A 390 -9.45 19.89 -8.19
C ARG A 390 -8.90 20.82 -9.30
N HIS A 391 -9.68 21.82 -9.65
CA HIS A 391 -9.30 22.84 -10.68
C HIS A 391 -8.01 23.56 -10.26
N ASP A 392 -7.77 23.76 -8.96
CA ASP A 392 -6.60 24.56 -8.49
C ASP A 392 -5.36 23.67 -8.35
N MET A 393 -5.46 22.39 -8.75
CA MET A 393 -4.33 21.43 -8.62
C MET A 393 -3.69 21.14 -9.98
N VAL A 394 -4.20 21.72 -11.07
CA VAL A 394 -3.80 21.32 -12.47
C VAL A 394 -2.31 21.51 -12.66
N ASP A 395 -1.77 22.68 -12.28
CA ASP A 395 -0.35 22.95 -12.54
C ASP A 395 0.52 21.95 -11.73
N GLY A 396 0.21 21.75 -10.46
CA GLY A 396 0.99 20.86 -9.57
C GLY A 396 1.02 19.43 -10.11
N LEU A 397 -0.11 18.96 -10.64
CA LEU A 397 -0.18 17.60 -11.24
C LEU A 397 0.68 17.53 -12.51
N ASN A 398 0.63 18.55 -13.38
CA ASN A 398 1.47 18.59 -14.61
C ASN A 398 2.93 18.66 -14.15
N ILE A 399 3.26 19.39 -13.06
CA ILE A 399 4.67 19.41 -12.59
C ILE A 399 5.11 17.99 -12.18
N ILE A 400 4.32 17.31 -11.36
CA ILE A 400 4.68 15.93 -10.91
C ILE A 400 5.04 15.14 -12.18
N ASN A 401 4.15 15.15 -13.18
CA ASN A 401 4.23 14.36 -14.43
C ASN A 401 5.57 14.63 -15.10
N MET A 402 5.98 15.91 -15.18
CA MET A 402 7.19 16.28 -15.95
C MET A 402 8.48 16.15 -15.10
N LEU A 403 8.41 16.26 -13.78
CA LEU A 403 9.61 16.35 -12.89
C LEU A 403 9.99 14.97 -12.28
N LEU A 404 9.09 14.00 -12.26
CA LEU A 404 9.44 12.60 -11.86
C LEU A 404 10.32 12.03 -12.93
N PRO A 405 11.23 11.11 -12.54
CA PRO A 405 12.10 10.47 -13.51
C PRO A 405 11.27 9.68 -14.53
N GLY A 406 11.84 9.52 -15.73
CA GLY A 406 11.29 8.71 -16.81
C GLY A 406 10.31 9.48 -17.71
N VAL A 407 9.23 8.81 -18.13
CA VAL A 407 8.31 9.24 -19.21
C VAL A 407 7.05 9.90 -18.62
N ALA A 408 6.70 11.06 -19.14
CA ALA A 408 5.48 11.80 -18.83
C ALA A 408 4.45 11.43 -19.89
N VAL A 409 3.25 11.04 -19.46
CA VAL A 409 2.13 10.70 -20.37
C VAL A 409 1.08 11.78 -20.20
N THR A 410 0.70 12.44 -21.29
CA THR A 410 -0.36 13.45 -21.26
C THR A 410 -1.54 12.95 -22.07
N TYR A 411 -2.75 13.09 -21.51
CA TYR A 411 -4.01 12.82 -22.25
C TYR A 411 -4.55 14.15 -22.80
N GLN A 412 -4.87 14.17 -24.07
CA GLN A 412 -5.59 15.25 -24.78
C GLN A 412 -6.42 16.09 -23.82
N GLY A 413 -5.98 17.34 -23.58
CA GLY A 413 -6.74 18.31 -22.78
C GLY A 413 -6.02 18.70 -21.49
N GLU A 414 -5.11 17.84 -21.00
CA GLU A 414 -4.50 18.07 -19.66
C GLU A 414 -3.57 19.27 -19.77
N GLU A 415 -3.06 19.55 -20.96
CA GLU A 415 -2.11 20.69 -21.18
C GLU A 415 -2.86 22.04 -21.02
N ILE A 416 -4.21 22.05 -21.06
CA ILE A 416 -5.03 23.29 -20.86
C ILE A 416 -5.97 23.13 -19.68
N GLY A 417 -5.84 22.02 -18.92
CA GLY A 417 -6.69 21.76 -17.76
C GLY A 417 -8.16 21.54 -18.09
N MET A 418 -8.47 20.90 -19.22
CA MET A 418 -9.88 20.60 -19.58
C MET A 418 -10.54 19.78 -18.46
N ARG A 419 -11.81 20.10 -18.15
CA ARG A 419 -12.65 19.39 -17.17
C ARG A 419 -13.56 18.45 -17.93
N ASP A 420 -14.10 17.46 -17.25
CA ASP A 420 -15.17 16.58 -17.78
C ASP A 420 -16.29 17.45 -18.35
N GLY A 421 -16.77 17.12 -19.55
CA GLY A 421 -17.98 17.74 -20.12
C GLY A 421 -19.24 17.07 -19.60
N TYR A 422 -20.31 17.85 -19.45
CA TYR A 422 -21.64 17.27 -19.17
C TYR A 422 -22.09 16.54 -20.43
N VAL A 423 -22.59 15.32 -20.26
CA VAL A 423 -23.20 14.51 -21.35
C VAL A 423 -24.49 13.92 -20.81
N SER A 424 -25.63 14.35 -21.38
CA SER A 424 -26.97 13.88 -20.95
C SER A 424 -27.13 12.39 -21.32
N TRP A 425 -28.12 11.70 -20.77
CA TRP A 425 -28.46 10.33 -21.20
C TRP A 425 -28.68 10.32 -22.72
N GLU A 426 -29.36 11.33 -23.26
CA GLU A 426 -29.79 11.39 -24.68
C GLU A 426 -28.55 11.50 -25.57
N ASP A 427 -27.48 12.15 -25.11
CA ASP A 427 -26.26 12.40 -25.91
C ASP A 427 -25.20 11.31 -25.67
N THR A 428 -25.44 10.37 -24.76
CA THR A 428 -24.47 9.31 -24.36
C THR A 428 -24.38 8.27 -25.46
N VAL A 429 -23.16 7.89 -25.87
CA VAL A 429 -22.95 6.89 -26.95
C VAL A 429 -21.99 5.76 -26.49
N ASP A 430 -21.42 5.86 -25.29
CA ASP A 430 -20.49 4.83 -24.78
C ASP A 430 -21.27 3.52 -24.52
N ILE A 431 -20.86 2.44 -25.17
CA ILE A 431 -21.51 1.08 -25.03
C ILE A 431 -21.47 0.68 -23.55
N GLU A 432 -20.43 1.08 -22.80
CA GLU A 432 -20.33 0.66 -21.38
C GLU A 432 -21.52 1.26 -20.63
N ALA A 433 -21.86 2.52 -20.90
CA ALA A 433 -23.01 3.22 -20.27
C ALA A 433 -24.35 2.63 -20.76
N CYS A 434 -24.50 2.43 -22.07
CA CYS A 434 -25.72 1.92 -22.74
C CYS A 434 -26.01 0.47 -22.29
N ASN A 435 -24.97 -0.33 -22.08
CA ASN A 435 -25.12 -1.75 -21.65
C ASN A 435 -25.32 -1.84 -20.14
N ARG A 436 -24.55 -1.11 -19.32
CA ARG A 436 -24.53 -1.31 -17.84
C ARG A 436 -25.47 -0.34 -17.13
N GLY A 437 -25.90 0.73 -17.81
CA GLY A 437 -26.57 1.87 -17.15
C GLY A 437 -27.99 2.09 -17.67
N ASP A 438 -28.67 3.10 -17.14
CA ASP A 438 -29.96 3.60 -17.64
C ASP A 438 -30.02 5.11 -17.36
N PRO A 439 -31.16 5.78 -17.64
CA PRO A 439 -31.25 7.24 -17.47
C PRO A 439 -30.82 7.77 -16.09
N ASP A 440 -30.96 6.99 -15.01
CA ASP A 440 -30.63 7.40 -13.62
C ASP A 440 -29.19 7.01 -13.26
N THR A 441 -28.59 6.00 -13.92
CA THR A 441 -27.31 5.36 -13.46
C THR A 441 -26.15 5.64 -14.44
N TYR A 442 -26.45 6.07 -15.68
CA TYR A 442 -25.52 6.04 -16.82
C TYR A 442 -24.23 6.78 -16.42
N HIS A 443 -24.35 7.78 -15.54
CA HIS A 443 -23.24 8.69 -15.16
C HIS A 443 -22.17 7.91 -14.38
N LEU A 444 -22.53 6.74 -13.82
CA LEU A 444 -21.61 5.86 -13.05
C LEU A 444 -20.64 5.10 -13.98
N TYR A 445 -21.01 4.86 -15.23
CA TYR A 445 -20.29 3.95 -16.15
C TYR A 445 -19.69 4.73 -17.34
N SER A 446 -20.30 5.84 -17.75
CA SER A 446 -19.98 6.46 -19.07
C SER A 446 -18.56 7.05 -19.06
N ARG A 447 -17.81 6.79 -20.15
CA ARG A 447 -16.49 7.39 -20.40
C ARG A 447 -16.65 8.69 -21.23
N ASP A 448 -17.85 8.98 -21.75
CA ASP A 448 -18.07 10.10 -22.72
C ASP A 448 -17.59 11.43 -22.14
N PRO A 449 -17.75 11.73 -20.84
CA PRO A 449 -17.32 13.04 -20.30
C PRO A 449 -15.86 13.42 -20.54
N ALA A 450 -14.99 12.41 -20.66
CA ALA A 450 -13.54 12.56 -20.89
C ALA A 450 -13.20 12.59 -22.39
N ARG A 451 -14.20 12.44 -23.26
CA ARG A 451 -14.03 12.32 -24.73
C ARG A 451 -14.66 13.53 -25.48
N THR A 452 -15.19 14.52 -24.78
CA THR A 452 -15.82 15.74 -25.38
C THR A 452 -14.75 16.48 -26.18
N PRO A 453 -15.14 17.12 -27.31
CA PRO A 453 -14.21 17.80 -28.20
C PRO A 453 -13.23 18.74 -27.48
N TYR A 454 -12.02 18.76 -28.00
CA TYR A 454 -10.86 19.53 -27.51
C TYR A 454 -11.12 21.03 -27.75
N HIS A 455 -10.74 21.86 -26.78
CA HIS A 455 -11.04 23.31 -26.78
C HIS A 455 -9.89 24.08 -27.42
N TRP A 456 -9.88 24.24 -28.75
CA TRP A 456 -8.87 25.05 -29.49
C TRP A 456 -9.00 26.56 -29.18
N ASP A 457 -10.23 27.08 -29.12
CA ASP A 457 -10.49 28.56 -29.10
C ASP A 457 -11.93 28.79 -28.65
N ASN A 458 -12.42 30.02 -28.80
CA ASN A 458 -13.76 30.42 -28.31
C ASN A 458 -14.70 30.58 -29.51
N SER A 459 -14.31 30.12 -30.68
CA SER A 459 -15.18 30.00 -31.89
C SER A 459 -16.21 28.89 -31.72
N THR A 460 -17.11 28.75 -32.69
CA THR A 460 -18.14 27.68 -32.69
C THR A 460 -17.51 26.32 -32.30
N SER A 461 -18.12 25.61 -31.35
CA SER A 461 -17.68 24.24 -30.95
C SER A 461 -16.20 24.29 -30.50
N ALA A 462 -15.77 25.41 -29.90
CA ALA A 462 -14.42 25.64 -29.33
C ALA A 462 -13.34 25.42 -30.40
N GLY A 463 -13.68 25.65 -31.68
CA GLY A 463 -12.76 25.49 -32.81
C GLY A 463 -12.41 24.04 -33.12
N PHE A 464 -13.05 23.08 -32.44
CA PHE A 464 -12.97 21.64 -32.80
C PHE A 464 -13.56 21.42 -34.21
N SER A 465 -14.71 22.06 -34.45
CA SER A 465 -15.47 21.94 -35.74
C SER A 465 -16.07 23.28 -36.16
N THR A 466 -16.30 23.46 -37.45
CA THR A 466 -17.10 24.62 -37.96
C THR A 466 -18.59 24.33 -37.78
N SER A 467 -18.98 23.07 -37.57
CA SER A 467 -20.38 22.67 -37.27
C SER A 467 -20.68 22.74 -35.77
N THR A 468 -21.92 23.12 -35.41
CA THR A 468 -22.47 23.06 -34.03
C THR A 468 -22.91 21.65 -33.68
N ASN A 469 -22.92 20.73 -34.65
CA ASN A 469 -23.43 19.34 -34.44
C ASN A 469 -22.22 18.41 -34.30
N THR A 470 -21.73 18.22 -33.07
CA THR A 470 -20.49 17.47 -32.79
C THR A 470 -20.91 16.10 -32.26
N TRP A 471 -20.05 15.09 -32.40
CA TRP A 471 -20.46 13.68 -32.11
C TRP A 471 -20.74 13.51 -30.62
N LEU A 472 -20.06 14.29 -29.77
CA LEU A 472 -20.39 14.48 -28.34
C LEU A 472 -20.48 15.98 -28.11
N PRO A 473 -21.26 16.44 -27.11
CA PRO A 473 -21.46 17.85 -26.91
C PRO A 473 -20.18 18.50 -26.37
N VAL A 474 -19.87 19.70 -26.90
CA VAL A 474 -18.71 20.52 -26.46
C VAL A 474 -18.97 20.93 -25.02
N ALA A 475 -18.03 20.74 -24.10
CA ALA A 475 -18.21 21.14 -22.68
C ALA A 475 -18.61 22.62 -22.59
N GLU A 476 -19.40 22.95 -21.57
CA GLU A 476 -20.00 24.30 -21.39
C GLU A 476 -18.94 25.36 -21.09
N ASP A 477 -17.75 24.98 -20.61
CA ASP A 477 -16.75 25.93 -20.04
C ASP A 477 -15.70 26.31 -21.09
N TYR A 478 -15.94 26.06 -22.38
CA TYR A 478 -14.90 26.26 -23.41
C TYR A 478 -14.55 27.75 -23.56
N GLN A 479 -15.43 28.67 -23.17
CA GLN A 479 -15.13 30.13 -23.28
C GLN A 479 -14.04 30.47 -22.25
N GLU A 480 -14.09 29.84 -21.06
CA GLU A 480 -13.13 30.00 -19.93
C GLU A 480 -11.85 29.19 -20.21
N ILE A 481 -11.98 28.01 -20.82
CA ILE A 481 -10.87 27.01 -20.92
C ILE A 481 -10.63 26.66 -22.38
N ASN A 482 -9.67 27.31 -23.01
CA ASN A 482 -9.32 26.97 -24.41
C ASN A 482 -7.86 27.33 -24.62
N LEU A 483 -7.23 26.71 -25.62
CA LEU A 483 -5.80 26.86 -25.94
C LEU A 483 -5.49 28.31 -26.35
N ALA A 484 -6.29 28.88 -27.26
CA ALA A 484 -6.00 30.23 -27.78
C ALA A 484 -5.89 31.20 -26.60
N LYS A 485 -6.85 31.16 -25.67
CA LYS A 485 -6.92 32.06 -24.50
C LYS A 485 -5.64 31.92 -23.65
N GLN A 486 -5.19 30.67 -23.47
CA GLN A 486 -4.02 30.34 -22.61
C GLN A 486 -2.72 30.78 -23.31
N LYS A 487 -2.70 30.82 -24.64
CA LYS A 487 -1.49 31.24 -25.38
C LYS A 487 -1.34 32.77 -25.35
N GLU A 488 -2.45 33.48 -25.15
CA GLU A 488 -2.49 34.96 -25.15
C GLU A 488 -2.19 35.47 -23.73
N THR A 489 -2.92 35.01 -22.72
CA THR A 489 -2.87 35.54 -21.34
C THR A 489 -1.47 35.28 -20.73
N ALA A 490 -1.03 36.12 -19.79
CA ALA A 490 0.36 36.15 -19.26
C ALA A 490 0.66 34.84 -18.51
N ARG A 491 -0.30 34.32 -17.73
CA ARG A 491 -0.07 33.08 -16.91
C ARG A 491 -1.17 32.09 -17.31
N SER A 492 -0.79 30.85 -17.62
CA SER A 492 -1.79 29.81 -18.03
C SER A 492 -1.27 28.40 -17.76
N HIS A 493 -2.20 27.44 -17.75
CA HIS A 493 -1.84 26.00 -17.65
C HIS A 493 -0.90 25.64 -18.79
N PHE A 494 -1.16 26.09 -20.02
CA PHE A 494 -0.36 25.73 -21.22
C PHE A 494 1.05 26.32 -21.16
N LYS A 495 1.16 27.59 -20.79
CA LYS A 495 2.50 28.22 -20.62
C LYS A 495 3.32 27.44 -19.58
N ASN A 496 2.71 27.05 -18.47
CA ASN A 496 3.33 26.18 -17.43
C ASN A 496 3.78 24.87 -18.08
N TYR A 497 2.90 24.23 -18.87
CA TYR A 497 3.17 22.94 -19.56
C TYR A 497 4.40 23.10 -20.45
N GLN A 498 4.45 24.18 -21.25
CA GLN A 498 5.58 24.50 -22.13
C GLN A 498 6.87 24.65 -21.30
N ALA A 499 6.80 25.35 -20.18
CA ALA A 499 7.98 25.62 -19.30
C ALA A 499 8.51 24.29 -18.75
N LEU A 500 7.60 23.37 -18.46
CA LEU A 500 7.96 22.05 -17.86
C LEU A 500 8.56 21.13 -18.93
N THR A 501 7.99 21.04 -20.13
CA THR A 501 8.56 20.18 -21.20
C THR A 501 9.95 20.69 -21.58
N LYS A 502 10.14 22.01 -21.64
CA LYS A 502 11.48 22.58 -21.91
C LYS A 502 12.46 22.16 -20.79
N LEU A 503 12.04 22.22 -19.51
CA LEU A 503 12.88 21.83 -18.35
C LEU A 503 13.42 20.40 -18.48
N ARG A 504 12.64 19.50 -19.11
CA ARG A 504 13.04 18.07 -19.32
C ARG A 504 14.29 17.93 -20.17
N LYS A 505 14.73 18.97 -20.90
CA LYS A 505 16.01 18.92 -21.64
C LYS A 505 17.21 19.00 -20.67
N GLN A 506 17.00 19.48 -19.44
CA GLN A 506 18.12 19.64 -18.46
C GLN A 506 18.60 18.27 -17.97
N ALA A 507 19.92 18.04 -17.96
CA ALA A 507 20.57 16.82 -17.41
C ALA A 507 19.99 16.44 -16.05
N THR A 508 19.67 17.40 -15.18
CA THR A 508 19.13 17.10 -13.82
C THR A 508 17.84 16.26 -13.95
N LEU A 509 17.00 16.50 -14.95
CA LEU A 509 15.69 15.80 -15.09
C LEU A 509 15.89 14.49 -15.84
N SER A 510 16.81 14.44 -16.79
CA SER A 510 17.07 13.23 -17.60
C SER A 510 17.90 12.21 -16.80
N HIS A 511 18.87 12.66 -16.00
CA HIS A 511 19.88 11.78 -15.35
C HIS A 511 19.95 11.99 -13.83
N GLY A 512 19.20 12.92 -13.25
CA GLY A 512 19.27 13.27 -11.83
C GLY A 512 18.68 12.20 -10.93
N GLU A 513 19.15 12.16 -9.69
CA GLU A 513 18.51 11.34 -8.62
C GLU A 513 17.18 12.01 -8.27
N TYR A 514 16.39 11.36 -7.44
CA TYR A 514 15.13 11.90 -6.90
C TYR A 514 15.15 11.68 -5.40
N ASP A 515 14.44 12.56 -4.69
CA ASP A 515 14.18 12.46 -3.25
C ASP A 515 12.76 13.03 -3.05
N ILE A 516 11.89 12.26 -2.40
CA ILE A 516 10.49 12.67 -2.20
C ILE A 516 10.06 12.34 -0.77
N ARG A 517 9.50 13.33 -0.07
CA ARG A 517 8.92 13.14 1.26
C ARG A 517 7.84 14.19 1.49
N ALA A 518 6.95 13.90 2.43
CA ALA A 518 5.91 14.83 2.89
C ALA A 518 6.51 15.67 4.02
N LEU A 519 6.27 16.97 3.98
CA LEU A 519 6.64 17.93 5.05
C LEU A 519 5.52 18.03 6.08
N SER A 520 4.28 17.71 5.69
CA SER A 520 3.05 17.86 6.50
C SER A 520 2.00 16.94 5.86
N ASP A 521 0.79 16.95 6.37
CA ASP A 521 -0.36 16.26 5.74
C ASP A 521 -0.74 17.02 4.46
N ARG A 522 -0.27 18.26 4.29
CA ARG A 522 -0.74 19.15 3.18
C ARG A 522 0.30 19.25 2.08
N THR A 523 1.60 19.25 2.41
CA THR A 523 2.66 19.65 1.47
C THR A 523 3.70 18.56 1.39
N PHE A 524 4.18 18.30 0.16
CA PHE A 524 5.33 17.42 -0.08
C PHE A 524 6.32 18.13 -0.99
N TYR A 525 7.52 17.57 -1.04
CA TYR A 525 8.59 17.99 -1.93
C TYR A 525 9.05 16.83 -2.79
N LEU A 526 9.54 17.18 -3.96
CA LEU A 526 10.26 16.29 -4.89
C LEU A 526 11.49 17.08 -5.32
N VAL A 527 12.66 16.54 -5.03
CA VAL A 527 13.96 17.12 -5.39
C VAL A 527 14.59 16.23 -6.45
N ARG A 528 14.92 16.81 -7.62
CA ARG A 528 15.83 16.20 -8.62
C ARG A 528 17.20 16.87 -8.45
N SER A 529 18.24 16.07 -8.24
CA SER A 529 19.60 16.59 -7.98
C SER A 529 20.61 15.79 -8.80
N LEU A 530 21.75 16.41 -9.12
CA LEU A 530 22.83 15.77 -9.91
C LEU A 530 24.07 16.63 -9.73
N PRO A 531 25.14 16.10 -9.09
CA PRO A 531 26.35 16.88 -8.84
C PRO A 531 26.85 17.64 -10.07
N THR A 532 27.13 18.93 -9.88
CA THR A 532 27.62 19.92 -10.88
C THR A 532 26.47 20.47 -11.74
N HIS A 533 25.23 19.96 -11.63
CA HIS A 533 24.07 20.55 -12.38
C HIS A 533 23.10 21.21 -11.40
N ASP A 534 22.23 22.08 -11.91
CA ASP A 534 21.24 22.81 -11.09
C ASP A 534 20.30 21.83 -10.37
N THR A 535 19.80 22.24 -9.22
CA THR A 535 18.86 21.47 -8.39
C THR A 535 17.44 21.98 -8.69
N TYR A 536 16.49 21.06 -8.91
CA TYR A 536 15.07 21.41 -9.16
C TYR A 536 14.22 20.83 -8.03
N VAL A 537 13.37 21.65 -7.43
CA VAL A 537 12.53 21.26 -6.28
C VAL A 537 11.08 21.62 -6.58
N LEU A 538 10.18 20.61 -6.57
CA LEU A 538 8.73 20.85 -6.51
C LEU A 538 8.33 20.98 -5.05
N LEU A 539 7.58 22.02 -4.70
CA LEU A 539 6.81 22.08 -3.44
C LEU A 539 5.34 22.17 -3.83
N PHE A 540 4.51 21.31 -3.27
CA PHE A 540 3.08 21.20 -3.66
C PHE A 540 2.24 21.04 -2.41
N ASN A 541 1.35 22.01 -2.17
CA ASN A 541 0.24 21.95 -1.20
C ASN A 541 -0.95 21.33 -1.92
N VAL A 542 -1.22 20.04 -1.67
CA VAL A 542 -2.32 19.29 -2.33
C VAL A 542 -3.65 19.50 -1.56
N SER A 543 -3.63 20.22 -0.44
CA SER A 543 -4.80 20.37 0.45
C SER A 543 -5.64 21.57 0.01
N GLU A 544 -6.77 21.74 0.67
CA GLU A 544 -7.71 22.89 0.53
C GLU A 544 -7.41 24.00 1.55
N ARG A 545 -6.30 23.90 2.30
CA ARG A 545 -5.95 24.87 3.37
C ARG A 545 -4.51 25.35 3.16
N ARG A 546 -4.23 26.58 3.58
CA ARG A 546 -2.87 27.15 3.63
C ARG A 546 -2.00 26.24 4.51
N ASP A 547 -0.73 26.13 4.13
CA ASP A 547 0.33 25.39 4.87
C ASP A 547 1.62 26.21 4.94
N THR A 548 2.30 26.19 6.08
CA THR A 548 3.62 26.83 6.25
C THR A 548 4.65 25.73 6.49
N VAL A 549 5.71 25.68 5.69
CA VAL A 549 6.77 24.64 5.79
C VAL A 549 8.10 25.33 5.99
N ASP A 550 9.01 24.58 6.62
CA ASP A 550 10.44 24.88 6.81
C ASP A 550 11.24 24.30 5.66
N LEU A 551 11.74 25.16 4.77
CA LEU A 551 12.53 24.77 3.57
C LEU A 551 13.90 24.22 3.98
N GLY A 552 14.34 24.46 5.22
CA GLY A 552 15.56 23.87 5.78
C GLY A 552 15.47 22.34 5.81
N ARG A 553 14.25 21.79 5.81
CA ARG A 553 14.02 20.32 5.84
C ARG A 553 14.23 19.73 4.45
N VAL A 554 14.32 20.55 3.41
CA VAL A 554 14.33 20.03 2.02
C VAL A 554 15.78 19.76 1.65
N PRO A 555 16.14 18.50 1.33
CA PRO A 555 17.51 18.19 0.99
C PRO A 555 17.95 18.89 -0.30
N HIS A 556 19.24 19.23 -0.38
CA HIS A 556 19.92 19.78 -1.58
C HIS A 556 19.36 21.16 -1.97
N LEU A 557 18.59 21.81 -1.09
CA LEU A 557 18.02 23.15 -1.38
C LEU A 557 18.79 24.22 -0.59
N THR A 558 19.58 25.04 -1.28
CA THR A 558 20.24 26.25 -0.70
C THR A 558 19.48 27.48 -1.22
N LEU A 559 19.15 28.40 -0.31
CA LEU A 559 18.49 29.69 -0.57
C LEU A 559 19.56 30.78 -0.63
N PRO A 560 19.39 31.84 -1.47
CA PRO A 560 18.20 31.99 -2.29
C PRO A 560 18.03 31.03 -3.49
N ALA A 561 16.77 30.79 -3.85
CA ALA A 561 16.40 29.96 -5.01
C ALA A 561 15.41 30.72 -5.87
N THR A 562 15.34 30.41 -7.16
CA THR A 562 14.47 31.13 -8.13
C THR A 562 13.23 30.28 -8.48
N VAL A 563 12.02 30.88 -8.44
CA VAL A 563 10.78 30.25 -8.95
C VAL A 563 10.94 30.09 -10.47
N TYR A 564 10.88 28.84 -10.94
CA TYR A 564 10.97 28.50 -12.39
C TYR A 564 9.54 28.42 -12.93
N VAL A 565 8.62 27.83 -12.17
CA VAL A 565 7.17 27.71 -12.53
C VAL A 565 6.36 27.84 -11.25
N SER A 566 5.19 28.44 -11.37
CA SER A 566 4.22 28.56 -10.25
C SER A 566 2.82 28.28 -10.79
N SER A 567 1.97 27.67 -9.97
CA SER A 567 0.51 27.56 -10.23
C SER A 567 0.00 28.92 -10.72
N ILE A 568 -0.99 28.94 -11.61
CA ILE A 568 -1.56 30.23 -12.13
C ILE A 568 -2.15 31.08 -10.98
N HIS A 569 -2.54 30.50 -9.85
CA HIS A 569 -3.15 31.23 -8.71
C HIS A 569 -2.13 31.63 -7.63
N SER A 570 -0.85 31.33 -7.84
CA SER A 570 0.27 31.65 -6.89
C SER A 570 0.54 33.16 -6.91
N ALA A 571 0.78 33.77 -5.75
CA ALA A 571 1.31 35.16 -5.65
C ALA A 571 2.75 35.24 -6.21
N ARG A 572 3.47 34.13 -6.38
CA ARG A 572 4.85 34.17 -6.90
C ARG A 572 4.82 34.00 -8.42
N LEU A 573 5.54 34.84 -9.16
CA LEU A 573 5.73 34.73 -10.63
C LEU A 573 7.06 34.04 -10.90
N ALA A 574 7.21 33.44 -12.07
CA ALA A 574 8.52 32.94 -12.56
C ALA A 574 9.51 34.09 -12.37
N GLY A 575 10.72 33.82 -11.87
CA GLY A 575 11.76 34.85 -11.63
C GLY A 575 11.81 35.32 -10.19
N HIS A 576 10.73 35.15 -9.42
CA HIS A 576 10.67 35.44 -7.97
C HIS A 576 11.81 34.70 -7.22
N GLU A 577 12.47 35.44 -6.33
CA GLU A 577 13.55 34.95 -5.45
C GLU A 577 12.92 34.46 -4.14
N ILE A 578 13.15 33.19 -3.78
CA ILE A 578 12.80 32.63 -2.44
C ILE A 578 14.05 32.80 -1.57
N THR A 579 13.96 33.57 -0.49
CA THR A 579 15.13 33.94 0.36
C THR A 579 14.91 33.41 1.77
N SER A 580 13.67 33.50 2.28
CA SER A 580 13.26 33.04 3.62
C SER A 580 13.09 31.51 3.64
N SER A 581 13.50 30.85 4.72
CA SER A 581 13.35 29.38 4.86
C SER A 581 11.92 29.04 5.31
N GLN A 582 11.12 30.02 5.78
CA GLN A 582 9.67 29.80 6.05
C GLN A 582 8.87 30.11 4.78
N LEU A 583 8.07 29.16 4.31
CA LEU A 583 7.28 29.27 3.03
C LEU A 583 5.83 28.92 3.31
N SER A 584 4.91 29.86 3.09
CA SER A 584 3.45 29.60 3.12
C SER A 584 2.99 29.30 1.70
N LEU A 585 2.25 28.20 1.55
CA LEU A 585 1.63 27.79 0.27
C LEU A 585 0.12 27.80 0.47
N GLU A 586 -0.58 28.48 -0.45
CA GLU A 586 -2.04 28.51 -0.50
C GLU A 586 -2.51 27.13 -0.99
N ALA A 587 -3.75 26.76 -0.68
CA ALA A 587 -4.42 25.54 -1.22
C ALA A 587 -4.07 25.33 -2.68
N GLY A 588 -3.54 24.14 -3.04
CA GLY A 588 -3.27 23.73 -4.44
C GLY A 588 -2.05 24.39 -5.03
N GLU A 589 -1.40 25.28 -4.30
CA GLU A 589 -0.22 26.00 -4.82
C GLU A 589 0.96 25.03 -5.01
N ALA A 590 1.58 25.10 -6.16
CA ALA A 590 2.83 24.37 -6.46
C ALA A 590 3.86 25.35 -6.99
N LEU A 591 5.12 25.20 -6.57
CA LEU A 591 6.27 25.95 -7.14
C LEU A 591 7.32 24.95 -7.61
N VAL A 592 7.96 25.18 -8.76
CA VAL A 592 9.26 24.55 -9.08
C VAL A 592 10.35 25.59 -8.77
N LEU A 593 11.28 25.28 -7.87
CA LEU A 593 12.43 26.17 -7.54
C LEU A 593 13.66 25.67 -8.28
N LYS A 594 14.44 26.58 -8.82
CA LYS A 594 15.77 26.31 -9.43
C LYS A 594 16.82 26.77 -8.41
N ALA A 595 17.68 25.87 -7.96
CA ALA A 595 18.64 26.16 -6.88
C ALA A 595 20.01 25.67 -7.34
N GLN A 596 21.05 26.20 -6.71
CA GLN A 596 22.45 26.00 -7.18
C GLN A 596 22.77 24.52 -7.18
N PRO A 597 23.74 24.07 -8.02
CA PRO A 597 24.21 22.70 -7.99
C PRO A 597 24.67 22.20 -6.61
N ILE A 598 24.57 20.88 -6.41
CA ILE A 598 25.25 20.15 -5.31
C ILE A 598 26.54 19.56 -5.87
N PRO B 29 37.27 17.22 10.04
CA PRO B 29 36.46 17.94 11.07
C PRO B 29 36.08 17.05 12.28
N PRO B 30 36.33 17.46 13.55
CA PRO B 30 35.93 16.63 14.69
C PRO B 30 34.43 16.36 14.66
N PRO B 31 33.97 15.22 15.21
CA PRO B 31 32.55 14.88 15.18
C PRO B 31 31.68 15.96 15.83
N THR B 32 30.55 16.28 15.19
CA THR B 32 29.54 17.25 15.70
C THR B 32 28.99 16.68 17.01
N GLU B 33 28.51 17.56 17.87
CA GLU B 33 27.81 17.21 19.15
C GLU B 33 26.32 17.04 18.85
N VAL B 34 25.65 16.15 19.59
CA VAL B 34 24.21 15.88 19.44
C VAL B 34 23.56 16.20 20.80
N ILE B 35 22.33 16.70 20.80
CA ILE B 35 21.54 16.93 22.04
C ILE B 35 20.98 15.59 22.52
N GLN B 36 21.00 15.30 23.82
CA GLN B 36 20.56 13.97 24.32
C GLN B 36 19.03 13.88 24.14
N LEU B 37 18.55 12.74 23.67
CA LEU B 37 17.10 12.46 23.52
C LEU B 37 16.53 12.00 24.85
N ASP B 38 15.30 12.38 25.15
CA ASP B 38 14.52 11.76 26.25
C ASP B 38 14.51 10.24 25.98
N TRP B 39 14.62 9.47 27.06
CA TRP B 39 14.90 8.01 27.10
C TRP B 39 13.98 7.22 26.16
N TRP B 40 12.72 7.63 26.06
CA TRP B 40 11.65 6.87 25.34
C TRP B 40 11.76 7.09 23.83
N LYS B 41 12.50 8.10 23.37
CA LYS B 41 12.54 8.37 21.91
C LYS B 41 13.44 7.39 21.12
N ASN B 42 14.33 6.67 21.78
CA ASN B 42 15.25 5.69 21.15
C ASN B 42 15.54 4.49 22.08
N CYS B 43 14.65 4.19 23.02
CA CYS B 43 14.83 3.01 23.90
C CYS B 43 14.74 1.72 23.06
N VAL B 44 15.40 0.67 23.53
CA VAL B 44 15.06 -0.74 23.23
C VAL B 44 14.03 -1.18 24.26
N LEU B 45 12.82 -1.48 23.81
CA LEU B 45 11.70 -1.90 24.66
C LEU B 45 11.57 -3.41 24.52
N TYR B 46 11.66 -4.13 25.64
CA TYR B 46 11.53 -5.60 25.67
C TYR B 46 10.19 -5.97 26.32
N GLN B 47 9.40 -6.75 25.62
CA GLN B 47 8.12 -7.28 26.13
C GLN B 47 8.38 -8.59 26.87
N ILE B 48 8.14 -8.59 28.18
CA ILE B 48 8.11 -9.80 29.04
C ILE B 48 6.69 -10.34 29.02
N TYR B 49 6.56 -11.65 28.87
CA TYR B 49 5.32 -12.42 29.15
C TYR B 49 5.59 -13.17 30.45
N PRO B 50 5.18 -12.61 31.60
CA PRO B 50 5.68 -13.06 32.90
C PRO B 50 5.43 -14.54 33.18
N ARG B 51 4.29 -15.06 32.69
CA ARG B 51 3.91 -16.48 32.90
C ARG B 51 4.97 -17.39 32.29
N SER B 52 5.74 -16.92 31.28
CA SER B 52 6.70 -17.78 30.54
C SER B 52 8.15 -17.33 30.65
N PHE B 53 8.47 -16.32 31.46
CA PHE B 53 9.86 -15.82 31.50
C PHE B 53 10.72 -16.66 32.44
N LYS B 54 10.38 -16.69 33.73
CA LYS B 54 11.23 -17.39 34.73
C LYS B 54 10.38 -17.80 35.94
N ASP B 55 10.33 -19.11 36.20
CA ASP B 55 9.62 -19.68 37.37
C ASP B 55 10.65 -19.86 38.49
N SER B 56 10.48 -19.15 39.61
CA SER B 56 11.42 -19.17 40.76
C SER B 56 11.00 -20.22 41.79
N ASP B 57 9.78 -20.75 41.74
CA ASP B 57 9.23 -21.51 42.89
C ASP B 57 8.71 -22.88 42.44
N GLY B 58 9.02 -23.36 41.23
CA GLY B 58 8.85 -24.79 40.90
C GLY B 58 7.42 -25.16 40.61
N ASP B 59 6.53 -24.21 40.41
CA ASP B 59 5.13 -24.50 40.06
C ASP B 59 4.96 -24.56 38.52
N GLY B 60 6.02 -24.43 37.73
CA GLY B 60 5.89 -24.39 36.26
C GLY B 60 5.24 -23.12 35.72
N ILE B 61 5.08 -22.06 36.56
CA ILE B 61 4.43 -20.77 36.21
C ILE B 61 5.45 -19.64 36.45
N GLY B 62 5.75 -18.83 35.43
CA GLY B 62 6.67 -17.67 35.59
C GLY B 62 6.17 -16.71 36.64
N ASP B 63 7.06 -15.97 37.30
CA ASP B 63 6.64 -15.16 38.46
C ASP B 63 7.60 -13.99 38.62
N LEU B 64 7.20 -13.05 39.46
CA LEU B 64 7.94 -11.77 39.70
C LEU B 64 9.32 -12.03 40.29
N LYS B 65 9.47 -12.98 41.22
CA LYS B 65 10.79 -13.32 41.78
C LYS B 65 11.70 -13.84 40.65
N GLY B 66 11.18 -14.59 39.71
CA GLY B 66 11.96 -15.05 38.55
C GLY B 66 12.41 -13.87 37.72
N ILE B 67 11.53 -12.92 37.41
CA ILE B 67 11.93 -11.70 36.63
C ILE B 67 13.04 -10.99 37.41
N ILE B 68 12.89 -10.81 38.72
CA ILE B 68 13.90 -10.06 39.52
C ILE B 68 15.27 -10.75 39.36
N SER B 69 15.28 -12.08 39.44
CA SER B 69 16.53 -12.90 39.43
C SER B 69 17.22 -12.72 38.07
N GLU B 70 16.51 -12.21 37.05
CA GLU B 70 17.08 -12.11 35.69
C GLU B 70 17.07 -10.67 35.15
N LEU B 71 16.88 -9.65 36.00
CA LEU B 71 16.90 -8.23 35.54
C LEU B 71 18.26 -7.97 34.87
N LYS B 72 19.33 -8.59 35.36
CA LYS B 72 20.69 -8.51 34.77
C LYS B 72 20.69 -8.89 33.28
N HIS B 73 19.84 -9.80 32.83
CA HIS B 73 19.73 -10.17 31.40
C HIS B 73 19.48 -8.94 30.52
N PHE B 74 18.58 -8.04 30.92
CA PHE B 74 18.20 -6.84 30.13
C PHE B 74 19.43 -5.92 30.01
N VAL B 75 20.20 -5.77 31.12
CA VAL B 75 21.44 -4.93 31.09
C VAL B 75 22.42 -5.60 30.11
N ASP B 76 22.56 -6.92 30.21
CA ASP B 76 23.50 -7.71 29.36
C ASP B 76 23.09 -7.62 27.87
N ALA B 77 21.78 -7.62 27.57
CA ALA B 77 21.22 -7.60 26.21
C ALA B 77 21.27 -6.19 25.62
N GLY B 78 21.35 -5.16 26.47
CA GLY B 78 21.32 -3.75 26.04
C GLY B 78 19.89 -3.24 25.89
N VAL B 79 18.96 -3.83 26.63
CA VAL B 79 17.55 -3.38 26.75
C VAL B 79 17.48 -2.21 27.73
N ASP B 80 16.68 -1.18 27.38
CA ASP B 80 16.53 0.09 28.17
C ASP B 80 15.27 0.05 29.01
N ALA B 81 14.24 -0.67 28.54
CA ALA B 81 12.92 -0.61 29.16
C ALA B 81 12.27 -1.99 28.97
N ILE B 82 11.53 -2.42 29.99
CA ILE B 82 10.71 -3.66 29.98
C ILE B 82 9.24 -3.28 30.16
N TRP B 83 8.38 -3.95 29.39
CA TRP B 83 6.90 -3.87 29.54
C TRP B 83 6.47 -5.30 29.85
N MET B 84 5.72 -5.47 30.91
CA MET B 84 5.21 -6.78 31.28
C MET B 84 3.76 -6.85 30.83
N SER B 85 3.41 -7.97 30.23
CA SER B 85 2.00 -8.37 30.06
C SER B 85 1.33 -8.37 31.45
N PRO B 86 -0.01 -8.41 31.54
CA PRO B 86 -0.70 -8.11 32.81
C PRO B 86 -0.33 -9.06 33.95
N ILE B 87 -0.15 -8.46 35.13
CA ILE B 87 0.27 -9.12 36.40
C ILE B 87 -0.71 -8.77 37.50
N PHE B 88 -1.88 -8.21 37.13
CA PHE B 88 -2.89 -7.79 38.15
C PHE B 88 -3.79 -8.98 38.50
N GLU B 89 -4.46 -8.91 39.65
CA GLU B 89 -5.45 -9.92 40.10
C GLU B 89 -6.38 -10.26 38.94
N SER B 90 -6.56 -11.54 38.63
CA SER B 90 -7.22 -12.00 37.40
C SER B 90 -7.66 -13.43 37.59
N PRO B 91 -8.89 -13.79 37.22
CA PRO B 91 -9.26 -15.20 37.15
C PRO B 91 -8.53 -16.02 36.05
N MET B 92 -7.71 -15.36 35.23
CA MET B 92 -6.79 -15.99 34.22
C MET B 92 -7.56 -16.64 33.05
N VAL B 93 -8.80 -16.23 32.83
CA VAL B 93 -9.59 -16.69 31.66
C VAL B 93 -8.86 -16.28 30.35
N ASP B 94 -8.28 -15.07 30.30
CA ASP B 94 -7.50 -14.55 29.15
C ASP B 94 -6.11 -14.25 29.67
N PHE B 95 -5.58 -15.14 30.49
CA PHE B 95 -4.24 -15.05 31.10
C PHE B 95 -3.87 -13.59 31.42
N GLY B 96 -4.71 -12.93 32.25
CA GLY B 96 -4.34 -11.65 32.82
C GLY B 96 -5.09 -10.49 32.20
N TYR B 97 -5.66 -10.64 31.01
CA TYR B 97 -6.37 -9.54 30.30
C TYR B 97 -7.79 -9.42 30.85
N ASP B 98 -8.17 -10.32 31.78
CA ASP B 98 -9.47 -10.32 32.49
C ASP B 98 -9.18 -9.98 33.95
N ILE B 99 -9.26 -8.68 34.28
CA ILE B 99 -8.71 -8.20 35.58
C ILE B 99 -9.87 -8.02 36.57
N SER B 100 -9.73 -8.66 37.73
CA SER B 100 -10.73 -8.61 38.83
C SER B 100 -10.34 -7.53 39.85
N ASN B 101 -9.09 -7.08 39.88
CA ASN B 101 -8.68 -6.02 40.81
C ASN B 101 -7.47 -5.31 40.22
N PHE B 102 -7.69 -4.11 39.71
CA PHE B 102 -6.68 -3.30 39.02
C PHE B 102 -5.66 -2.74 40.02
N TYR B 103 -5.79 -2.98 41.32
CA TYR B 103 -4.92 -2.35 42.35
C TYR B 103 -4.07 -3.41 43.10
N ASP B 104 -4.08 -4.66 42.66
CA ASP B 104 -3.22 -5.68 43.32
C ASP B 104 -2.61 -6.68 42.31
N ILE B 105 -1.62 -7.46 42.77
CA ILE B 105 -0.83 -8.43 41.95
C ILE B 105 -1.53 -9.80 41.97
N HIS B 106 -1.54 -10.48 40.85
CA HIS B 106 -2.02 -11.86 40.69
C HIS B 106 -1.16 -12.78 41.59
N TYR B 107 -1.79 -13.57 42.47
CA TYR B 107 -1.10 -14.37 43.52
C TYR B 107 -0.08 -15.34 42.89
N GLU B 108 -0.38 -15.89 41.70
CA GLU B 108 0.55 -16.87 41.06
C GLU B 108 1.88 -16.19 40.73
N TYR B 109 1.88 -14.88 40.43
CA TYR B 109 3.13 -14.17 40.06
C TYR B 109 3.82 -13.60 41.29
N GLY B 110 3.08 -13.33 42.36
CA GLY B 110 3.65 -12.80 43.60
C GLY B 110 2.69 -11.89 44.33
N THR B 111 3.29 -10.97 45.06
CA THR B 111 2.66 -10.02 45.99
C THR B 111 3.05 -8.61 45.52
N MET B 112 2.35 -7.63 46.07
CA MET B 112 2.68 -6.19 45.95
C MET B 112 4.11 -5.96 46.40
N GLU B 113 4.56 -6.66 47.45
CA GLU B 113 5.95 -6.52 47.96
C GLU B 113 6.94 -6.94 46.83
N ASP B 114 6.65 -8.02 46.13
CA ASP B 114 7.51 -8.55 45.03
C ASP B 114 7.53 -7.50 43.90
N PHE B 115 6.39 -6.88 43.60
CA PHE B 115 6.33 -5.85 42.53
C PHE B 115 7.20 -4.64 42.91
N GLU B 116 7.11 -4.16 44.15
CA GLU B 116 7.93 -2.99 44.60
C GLU B 116 9.43 -3.33 44.60
N GLU B 117 9.79 -4.58 44.90
CA GLU B 117 11.20 -5.04 44.84
C GLU B 117 11.66 -5.06 43.37
N LEU B 118 10.80 -5.50 42.46
CA LEU B 118 11.10 -5.51 41.00
C LEU B 118 11.39 -4.06 40.55
N LEU B 119 10.53 -3.09 40.88
CA LEU B 119 10.74 -1.67 40.49
C LEU B 119 12.03 -1.15 41.09
N ASP B 120 12.29 -1.42 42.38
CA ASP B 120 13.54 -0.94 43.05
C ASP B 120 14.77 -1.48 42.30
N LYS B 121 14.85 -2.77 42.09
CA LYS B 121 16.08 -3.40 41.53
C LYS B 121 16.20 -3.03 40.05
N ALA B 122 15.08 -2.97 39.30
CA ALA B 122 15.12 -2.55 37.88
C ALA B 122 15.66 -1.11 37.82
N HIS B 123 15.13 -0.21 38.64
CA HIS B 123 15.56 1.21 38.67
C HIS B 123 17.04 1.32 39.08
N GLU B 124 17.50 0.49 40.02
CA GLU B 124 18.91 0.51 40.47
C GLU B 124 19.81 0.09 39.29
N LEU B 125 19.34 -0.76 38.40
CA LEU B 125 20.09 -1.14 37.18
C LEU B 125 19.93 -0.12 36.02
N GLY B 126 19.12 0.94 36.17
CA GLY B 126 18.91 1.95 35.10
C GLY B 126 17.75 1.60 34.14
N LEU B 127 16.99 0.53 34.41
CA LEU B 127 15.87 0.08 33.53
C LEU B 127 14.58 0.84 33.83
N LYS B 128 13.77 1.09 32.79
CA LYS B 128 12.38 1.59 32.92
C LYS B 128 11.46 0.38 32.89
N VAL B 129 10.35 0.46 33.61
CA VAL B 129 9.35 -0.62 33.77
C VAL B 129 7.98 -0.04 33.44
N LEU B 130 7.33 -0.60 32.41
CA LEU B 130 5.96 -0.23 32.01
C LEU B 130 5.01 -1.38 32.36
N LEU B 131 3.79 -1.04 32.77
CA LEU B 131 2.75 -2.06 33.03
C LEU B 131 1.75 -2.09 31.88
N ASP B 132 1.12 -3.22 31.71
CA ASP B 132 -0.03 -3.41 30.78
C ASP B 132 -1.33 -2.96 31.47
N PHE B 133 -1.88 -1.83 31.01
CA PHE B 133 -3.14 -1.19 31.48
C PHE B 133 -4.24 -1.64 30.52
N VAL B 134 -5.29 -2.23 31.06
CA VAL B 134 -6.34 -2.89 30.25
C VAL B 134 -7.63 -2.06 30.44
N PRO B 135 -7.76 -0.85 29.82
CA PRO B 135 -8.90 0.00 30.14
C PRO B 135 -10.23 -0.38 29.52
N ASN B 136 -10.26 -1.19 28.46
CA ASN B 136 -11.51 -1.46 27.73
C ASN B 136 -12.46 -2.29 28.60
N HIS B 137 -11.97 -3.19 29.42
CA HIS B 137 -12.84 -4.24 30.05
C HIS B 137 -12.30 -4.67 31.40
N ALA B 138 -13.20 -5.17 32.26
CA ALA B 138 -12.92 -5.75 33.58
C ALA B 138 -13.43 -7.20 33.62
N SER B 139 -12.79 -8.03 34.41
CA SER B 139 -13.37 -9.37 34.77
C SER B 139 -14.83 -9.24 35.26
N ASN B 140 -15.66 -10.22 34.95
CA ASN B 140 -17.02 -10.36 35.53
C ASN B 140 -16.91 -10.70 37.02
N GLU B 141 -15.72 -11.02 37.55
CA GLU B 141 -15.48 -11.27 38.99
C GLU B 141 -14.93 -10.00 39.66
N SER B 142 -14.79 -8.88 38.94
CA SER B 142 -14.39 -7.59 39.58
C SER B 142 -15.53 -7.10 40.52
N GLU B 143 -15.21 -6.31 41.53
CA GLU B 143 -16.24 -5.60 42.35
C GLU B 143 -17.05 -4.69 41.41
N TYR B 144 -16.40 -4.01 40.44
CA TYR B 144 -17.11 -3.10 39.52
C TYR B 144 -18.33 -3.82 38.95
N PHE B 145 -18.12 -5.02 38.40
CA PHE B 145 -19.19 -5.78 37.70
C PHE B 145 -20.19 -6.33 38.71
N ILE B 146 -19.74 -6.95 39.79
CA ILE B 146 -20.69 -7.54 40.79
C ILE B 146 -21.66 -6.43 41.24
N LYS B 147 -21.13 -5.26 41.58
CA LYS B 147 -21.88 -4.06 42.03
C LYS B 147 -22.79 -3.52 40.91
N SER B 148 -22.29 -3.41 39.67
CA SER B 148 -23.07 -2.92 38.52
C SER B 148 -24.25 -3.86 38.22
N GLU B 149 -24.02 -5.16 38.23
CA GLU B 149 -25.05 -6.20 37.93
C GLU B 149 -26.17 -6.11 38.97
N ALA B 150 -25.82 -5.80 40.22
CA ALA B 150 -26.75 -5.55 41.38
C ALA B 150 -27.36 -4.14 41.34
N ARG B 151 -27.10 -3.33 40.31
CA ARG B 151 -27.57 -1.92 40.15
C ARG B 151 -27.24 -1.11 41.40
N GLU B 152 -26.12 -1.40 42.07
CA GLU B 152 -25.63 -0.56 43.20
C GLU B 152 -25.47 0.88 42.71
N PRO B 153 -25.95 1.88 43.47
CA PRO B 153 -25.71 3.27 43.13
C PRO B 153 -24.21 3.52 42.90
N GLY B 154 -23.91 4.24 41.82
CA GLY B 154 -22.54 4.63 41.41
C GLY B 154 -21.91 3.63 40.44
N TYR B 155 -22.49 2.42 40.33
CA TYR B 155 -21.93 1.31 39.52
C TYR B 155 -22.95 0.82 38.50
N GLU B 156 -24.24 1.17 38.66
CA GLU B 156 -25.30 0.67 37.75
C GLU B 156 -24.91 0.85 36.27
N ASN B 157 -24.34 2.00 35.92
CA ASN B 157 -24.04 2.44 34.52
C ASN B 157 -22.52 2.36 34.26
N PHE B 158 -21.80 1.50 34.97
CA PHE B 158 -20.32 1.38 34.83
C PHE B 158 -19.99 0.62 33.53
N PHE B 159 -20.87 -0.27 33.11
CA PHE B 159 -20.71 -1.13 31.90
C PHE B 159 -21.87 -0.84 30.96
N ILE B 160 -21.82 -1.43 29.78
CA ILE B 160 -22.81 -1.22 28.70
C ILE B 160 -23.91 -2.26 28.88
N TRP B 161 -25.08 -1.81 29.35
CA TRP B 161 -26.23 -2.67 29.70
C TRP B 161 -27.36 -2.36 28.73
N ALA B 162 -28.03 -3.38 28.20
CA ALA B 162 -29.03 -3.17 27.14
C ALA B 162 -30.19 -4.16 27.31
N ASP B 163 -31.38 -3.66 27.04
CA ASP B 163 -32.62 -4.50 26.95
C ASP B 163 -32.58 -5.27 25.64
N PRO B 164 -33.30 -6.42 25.57
CA PRO B 164 -33.41 -7.18 24.34
C PRO B 164 -34.04 -6.30 23.25
N LEU B 165 -33.79 -6.65 21.99
CA LEU B 165 -34.36 -5.90 20.83
C LEU B 165 -35.85 -6.25 20.79
N PRO B 166 -36.76 -5.25 20.71
CA PRO B 166 -38.19 -5.53 20.54
C PRO B 166 -38.42 -6.58 19.44
N ASN B 167 -39.10 -7.68 19.78
CA ASN B 167 -39.47 -8.77 18.84
C ASN B 167 -41.00 -8.75 18.68
N PRO B 168 -41.57 -7.81 17.90
CA PRO B 168 -43.03 -7.66 17.82
C PRO B 168 -43.64 -8.88 17.11
N GLU B 169 -42.96 -9.35 16.06
CA GLU B 169 -43.34 -10.54 15.23
C GLU B 169 -43.61 -11.73 16.16
N ASN B 170 -42.77 -11.94 17.16
CA ASN B 170 -42.73 -13.21 17.93
C ASN B 170 -42.10 -12.96 19.30
N PRO B 171 -42.77 -12.26 20.24
CA PRO B 171 -42.28 -12.15 21.62
C PRO B 171 -42.13 -13.55 22.25
N GLY B 172 -41.50 -13.63 23.42
CA GLY B 172 -41.24 -14.94 24.08
C GLY B 172 -40.02 -15.65 23.51
N VAL B 173 -39.54 -15.18 22.34
CA VAL B 173 -38.15 -15.42 21.86
C VAL B 173 -37.38 -14.08 21.99
N ARG B 174 -36.38 -14.08 22.86
CA ARG B 174 -35.59 -12.88 23.22
C ARG B 174 -34.50 -12.66 22.16
N LEU B 175 -34.37 -11.43 21.64
CA LEU B 175 -33.31 -11.07 20.66
C LEU B 175 -32.24 -10.23 21.34
N PRO B 176 -30.93 -10.47 21.01
CA PRO B 176 -29.85 -9.59 21.48
C PRO B 176 -30.08 -8.19 20.94
N PRO B 177 -29.47 -7.14 21.53
CA PRO B 177 -29.67 -5.76 21.07
C PRO B 177 -29.19 -5.47 19.65
N SER B 178 -28.33 -6.33 19.09
CA SER B 178 -27.68 -6.13 17.76
C SER B 178 -26.89 -7.39 17.44
N ASN B 179 -26.36 -7.45 16.22
CA ASN B 179 -25.68 -8.65 15.68
C ASN B 179 -24.18 -8.64 16.02
N TRP B 180 -23.74 -7.80 16.95
CA TRP B 180 -22.29 -7.56 17.19
C TRP B 180 -21.62 -8.88 17.57
N VAL B 181 -20.49 -9.18 16.94
CA VAL B 181 -19.67 -10.41 17.20
C VAL B 181 -18.45 -10.08 18.08
N SER B 182 -18.20 -10.93 19.06
CA SER B 182 -17.02 -10.93 19.95
C SER B 182 -15.77 -11.33 19.14
N GLN B 183 -14.64 -10.69 19.46
CA GLN B 183 -13.28 -11.04 18.99
C GLN B 183 -12.95 -12.52 19.28
N PHE B 184 -13.59 -13.15 20.28
CA PHE B 184 -13.25 -14.50 20.76
C PHE B 184 -14.37 -15.46 20.34
N GLY B 185 -15.21 -15.01 19.40
CA GLY B 185 -16.27 -15.85 18.80
C GLY B 185 -17.59 -15.67 19.52
N GLY B 186 -18.70 -15.81 18.78
CA GLY B 186 -20.05 -15.75 19.36
C GLY B 186 -20.50 -14.31 19.54
N SER B 187 -21.75 -14.13 20.01
CA SER B 187 -22.36 -12.80 20.26
C SER B 187 -21.45 -12.01 21.22
N ALA B 188 -21.37 -10.69 21.04
CA ALA B 188 -20.71 -9.73 21.96
C ALA B 188 -21.71 -9.32 23.06
N TRP B 189 -22.92 -9.90 23.09
CA TRP B 189 -23.97 -9.61 24.11
C TRP B 189 -24.22 -10.85 24.96
N GLU B 190 -24.15 -10.72 26.29
CA GLU B 190 -24.35 -11.84 27.24
C GLU B 190 -25.52 -11.49 28.18
N TRP B 191 -26.47 -12.40 28.30
CA TRP B 191 -27.68 -12.20 29.15
C TRP B 191 -27.27 -12.33 30.60
N SER B 192 -27.66 -11.36 31.42
CA SER B 192 -27.60 -11.45 32.91
C SER B 192 -28.99 -11.81 33.44
N GLU B 193 -29.16 -13.02 33.98
CA GLU B 193 -30.40 -13.46 34.68
C GLU B 193 -30.73 -12.45 35.79
N LYS B 194 -29.71 -12.05 36.55
CA LYS B 194 -29.88 -11.24 37.78
C LYS B 194 -30.39 -9.86 37.40
N ARG B 195 -29.82 -9.22 36.39
CA ARG B 195 -30.20 -7.83 36.05
C ARG B 195 -31.29 -7.80 34.98
N GLN B 196 -31.63 -8.95 34.38
CA GLN B 196 -32.60 -9.05 33.25
C GLN B 196 -32.23 -8.00 32.18
N GLN B 197 -30.94 -7.98 31.78
CA GLN B 197 -30.41 -7.16 30.66
C GLN B 197 -29.19 -7.88 30.05
N TYR B 198 -28.81 -7.49 28.83
CA TYR B 198 -27.55 -7.92 28.18
C TYR B 198 -26.44 -6.94 28.59
N TYR B 199 -25.24 -7.45 28.85
CA TYR B 199 -24.04 -6.61 28.92
C TYR B 199 -23.18 -6.86 27.67
N LEU B 200 -22.42 -5.85 27.26
CA LEU B 200 -21.49 -5.96 26.09
C LEU B 200 -20.16 -6.59 26.52
N HIS B 201 -19.66 -7.50 25.71
CA HIS B 201 -18.30 -8.08 25.80
C HIS B 201 -17.73 -8.18 24.38
N GLN B 202 -16.80 -7.29 24.01
CA GLN B 202 -16.05 -7.40 22.73
C GLN B 202 -15.06 -8.59 22.82
N PHE B 203 -14.59 -8.94 24.03
CA PHE B 203 -13.66 -10.08 24.26
C PHE B 203 -14.46 -11.26 24.84
N ALA B 204 -13.88 -12.05 25.75
CA ALA B 204 -14.53 -13.22 26.35
C ALA B 204 -15.82 -12.78 27.08
N ILE B 205 -16.73 -13.71 27.31
CA ILE B 205 -17.97 -13.47 28.11
C ILE B 205 -17.54 -12.82 29.44
N GLN B 206 -16.41 -13.24 30.00
CA GLN B 206 -15.92 -12.83 31.34
C GLN B 206 -15.24 -11.44 31.30
N GLN B 207 -15.14 -10.82 30.13
CA GLN B 207 -14.44 -9.51 29.93
C GLN B 207 -15.53 -8.49 29.57
N VAL B 208 -15.97 -7.72 30.57
CA VAL B 208 -17.15 -6.80 30.43
C VAL B 208 -16.67 -5.41 30.03
N ASP B 209 -17.22 -4.85 28.95
CA ASP B 209 -16.86 -3.49 28.45
C ASP B 209 -17.38 -2.39 29.37
N PHE B 210 -16.46 -1.52 29.83
CA PHE B 210 -16.79 -0.29 30.58
C PHE B 210 -17.52 0.68 29.65
N ASP B 211 -18.37 1.53 30.24
CA ASP B 211 -19.03 2.62 29.47
C ASP B 211 -18.13 3.86 29.54
N PHE B 212 -17.42 4.18 28.45
CA PHE B 212 -16.46 5.30 28.39
C PHE B 212 -17.19 6.65 28.12
N ARG B 213 -18.53 6.68 28.10
CA ARG B 213 -19.29 7.97 28.17
C ARG B 213 -19.68 8.25 29.64
N ASN B 214 -19.29 7.37 30.55
CA ASN B 214 -19.51 7.57 32.01
C ASN B 214 -18.35 8.35 32.59
N PRO B 215 -18.56 9.59 33.08
CA PRO B 215 -17.47 10.31 33.75
C PRO B 215 -16.83 9.55 34.94
N ALA B 216 -17.58 8.66 35.64
CA ALA B 216 -17.06 7.92 36.83
C ALA B 216 -16.07 6.85 36.36
N VAL B 217 -16.33 6.27 35.18
CA VAL B 217 -15.42 5.29 34.51
C VAL B 217 -14.15 6.02 34.13
N LYS B 218 -14.25 7.18 33.51
CA LYS B 218 -13.04 7.94 33.07
C LYS B 218 -12.21 8.31 34.30
N GLN B 219 -12.87 8.74 35.39
CA GLN B 219 -12.12 9.06 36.62
C GLN B 219 -11.45 7.79 37.16
N GLU B 220 -12.10 6.64 37.12
CA GLU B 220 -11.51 5.40 37.69
C GLU B 220 -10.23 5.07 36.89
N MET B 221 -10.18 5.31 35.56
CA MET B 221 -8.98 5.04 34.73
C MET B 221 -7.85 5.96 35.21
N PHE B 222 -8.13 7.22 35.51
CA PHE B 222 -7.06 8.10 36.05
C PHE B 222 -6.59 7.58 37.42
N ASN B 223 -7.52 7.14 38.27
CA ASN B 223 -7.20 6.65 39.63
C ASN B 223 -6.28 5.42 39.53
N ILE B 224 -6.59 4.50 38.62
CA ILE B 224 -5.74 3.29 38.41
C ILE B 224 -4.34 3.74 37.97
N MET B 225 -4.23 4.62 36.98
CA MET B 225 -2.90 4.97 36.43
C MET B 225 -2.13 5.70 37.54
N LYS B 226 -2.80 6.57 38.28
CA LYS B 226 -2.12 7.38 39.32
C LYS B 226 -1.58 6.41 40.39
N PHE B 227 -2.35 5.37 40.72
CA PHE B 227 -1.95 4.38 41.75
C PHE B 227 -0.60 3.77 41.39
N TRP B 228 -0.47 3.32 40.14
CA TRP B 228 0.73 2.59 39.68
C TRP B 228 1.87 3.56 39.41
N LEU B 229 1.60 4.75 38.87
CA LEU B 229 2.68 5.79 38.75
C LEU B 229 3.24 6.11 40.14
N ASP B 230 2.38 6.25 41.15
CA ASP B 230 2.81 6.58 42.53
C ASP B 230 3.67 5.46 43.11
N LYS B 231 3.35 4.18 42.80
CA LYS B 231 4.24 3.02 43.12
C LYS B 231 5.60 3.15 42.42
N GLY B 232 5.68 3.83 41.27
CA GLY B 232 6.95 4.09 40.59
C GLY B 232 7.03 3.52 39.19
N ALA B 233 5.92 3.08 38.58
CA ALA B 233 5.92 2.64 37.15
C ALA B 233 6.38 3.80 36.27
N ASP B 234 7.08 3.50 35.18
CA ASP B 234 7.58 4.51 34.23
C ASP B 234 6.57 4.72 33.11
N GLY B 235 5.45 3.99 33.11
CA GLY B 235 4.37 4.22 32.15
C GLY B 235 3.60 2.95 31.88
N PHE B 236 2.76 3.00 30.85
CA PHE B 236 1.83 1.91 30.48
C PHE B 236 1.90 1.61 28.98
N ARG B 237 1.55 0.36 28.68
CA ARG B 237 1.12 -0.14 27.37
C ARG B 237 -0.39 -0.28 27.51
N LEU B 238 -1.13 0.36 26.61
CA LEU B 238 -2.58 0.51 26.71
C LEU B 238 -3.24 -0.49 25.75
N ASP B 239 -3.96 -1.44 26.30
CA ASP B 239 -4.59 -2.59 25.61
C ASP B 239 -5.85 -2.18 24.84
N ALA B 240 -6.05 -2.67 23.61
CA ALA B 240 -7.34 -2.84 22.92
C ALA B 240 -8.06 -1.50 22.67
N LEU B 241 -7.32 -0.43 22.42
CA LEU B 241 -7.93 0.90 22.34
C LEU B 241 -8.93 1.03 21.22
N PRO B 242 -8.80 0.41 20.03
CA PRO B 242 -9.82 0.57 18.99
C PRO B 242 -11.26 0.22 19.44
N TYR B 243 -11.39 -0.59 20.50
CA TYR B 243 -12.69 -1.13 20.98
C TYR B 243 -13.27 -0.32 22.14
N LEU B 244 -12.73 0.87 22.46
CA LEU B 244 -13.12 1.59 23.70
C LEU B 244 -14.60 1.95 23.58
N ILE B 245 -14.98 2.59 22.48
CA ILE B 245 -16.33 3.23 22.34
C ILE B 245 -17.10 2.62 21.17
N GLU B 246 -18.40 2.39 21.42
CA GLU B 246 -19.36 1.84 20.44
C GLU B 246 -20.47 2.89 20.22
N ALA B 247 -21.29 2.70 19.21
CA ALA B 247 -22.36 3.64 18.85
C ALA B 247 -23.27 3.86 20.07
N ASP B 248 -23.58 5.11 20.35
CA ASP B 248 -24.62 5.56 21.32
C ASP B 248 -26.01 5.25 20.74
N PRO B 249 -26.84 4.40 21.41
CA PRO B 249 -28.17 4.09 20.88
C PRO B 249 -29.06 5.36 20.71
N ALA B 250 -28.74 6.44 21.40
CA ALA B 250 -29.42 7.75 21.22
C ALA B 250 -29.30 8.26 19.79
N ASP B 251 -28.31 7.78 19.02
CA ASP B 251 -28.02 8.28 17.65
C ASP B 251 -28.73 7.39 16.63
N HIS B 252 -29.35 6.29 17.08
CA HIS B 252 -30.01 5.27 16.22
C HIS B 252 -31.43 4.98 16.73
N GLU B 253 -32.13 6.03 17.15
CA GLU B 253 -33.55 6.00 17.61
C GLU B 253 -33.69 4.99 18.75
N GLY B 254 -32.72 4.99 19.67
CA GLY B 254 -32.73 4.24 20.93
C GLY B 254 -32.52 2.74 20.78
N ARG B 255 -31.88 2.26 19.70
CA ARG B 255 -31.37 0.87 19.61
C ARG B 255 -29.86 0.86 19.28
N TYR B 256 -29.17 -0.22 19.64
CA TYR B 256 -27.77 -0.49 19.20
C TYR B 256 -27.85 -0.92 17.74
N PRO B 257 -27.29 -0.14 16.80
CA PRO B 257 -27.41 -0.48 15.38
C PRO B 257 -26.57 -1.71 15.02
N ASP B 258 -27.05 -2.54 14.09
CA ASP B 258 -26.31 -3.74 13.58
C ASP B 258 -25.04 -3.22 12.90
N ASP B 259 -23.93 -3.93 13.07
CA ASP B 259 -22.74 -3.74 12.20
C ASP B 259 -23.12 -4.27 10.82
N PRO B 260 -22.59 -3.69 9.73
CA PRO B 260 -22.75 -4.27 8.39
C PRO B 260 -22.26 -5.72 8.31
N LEU B 261 -22.91 -6.54 7.47
CA LEU B 261 -22.45 -7.93 7.15
C LEU B 261 -21.27 -7.84 6.18
N SER B 262 -20.30 -8.75 6.31
CA SER B 262 -19.11 -8.86 5.42
C SER B 262 -19.48 -9.49 4.06
N GLY B 263 -20.33 -10.53 4.04
CA GLY B 263 -20.73 -11.23 2.79
C GLY B 263 -19.82 -12.42 2.53
N LEU B 264 -18.70 -12.48 3.26
CA LEU B 264 -17.75 -13.63 3.26
C LEU B 264 -18.50 -14.91 3.67
N THR B 265 -18.62 -15.84 2.72
CA THR B 265 -19.40 -17.09 2.82
C THR B 265 -18.74 -18.03 3.83
N GLN B 266 -17.43 -17.90 4.13
CA GLN B 266 -16.72 -18.81 5.06
C GLN B 266 -17.10 -18.54 6.52
N PHE B 267 -17.83 -17.45 6.83
CA PHE B 267 -18.17 -17.05 8.23
C PHE B 267 -19.70 -17.05 8.45
N GLU B 268 -20.16 -17.84 9.42
CA GLU B 268 -21.56 -17.79 9.90
C GLU B 268 -21.70 -16.77 11.05
N SER B 269 -22.95 -16.51 11.47
CA SER B 269 -23.35 -15.31 12.25
C SER B 269 -22.73 -15.32 13.66
N HIS B 270 -22.26 -16.48 14.15
CA HIS B 270 -21.52 -16.63 15.44
C HIS B 270 -19.99 -16.53 15.27
N GLN B 271 -19.50 -16.28 14.05
CA GLN B 271 -18.04 -16.38 13.77
C GLN B 271 -17.47 -14.97 13.53
N LEU B 272 -16.34 -14.69 14.16
CA LEU B 272 -15.63 -13.41 13.91
C LEU B 272 -15.31 -13.34 12.42
N GLY B 273 -15.70 -12.24 11.76
CA GLY B 273 -15.57 -12.06 10.30
C GLY B 273 -16.92 -11.82 9.65
N TYR B 274 -18.01 -12.22 10.30
CA TYR B 274 -19.41 -12.11 9.78
C TYR B 274 -19.81 -10.63 9.59
N THR B 275 -19.21 -9.73 10.37
CA THR B 275 -19.57 -8.28 10.43
C THR B 275 -18.35 -7.41 10.14
N ILE B 276 -18.60 -6.19 9.70
CA ILE B 276 -17.66 -5.05 9.56
C ILE B 276 -17.89 -4.17 10.78
N PRO B 277 -16.85 -3.93 11.63
CA PRO B 277 -17.06 -3.29 12.94
C PRO B 277 -17.25 -1.77 12.87
N LEU B 278 -18.18 -1.30 12.05
CA LEU B 278 -18.39 0.15 11.78
C LEU B 278 -18.82 0.85 13.06
N TYR B 279 -19.63 0.17 13.88
CA TYR B 279 -20.29 0.82 15.06
C TYR B 279 -19.63 0.39 16.37
N THR B 280 -18.60 -0.45 16.28
CA THR B 280 -17.97 -1.13 17.43
C THR B 280 -16.44 -0.91 17.49
N LYS B 281 -15.83 -0.23 16.50
CA LYS B 281 -14.34 -0.13 16.41
C LYS B 281 -13.93 1.19 15.77
N ASP B 282 -12.87 1.80 16.29
CA ASP B 282 -12.22 3.00 15.68
C ASP B 282 -13.19 4.19 15.69
N LEU B 283 -14.07 4.32 16.69
CA LEU B 283 -14.94 5.50 16.73
C LEU B 283 -14.10 6.70 17.09
N ILE B 284 -14.35 7.83 16.45
CA ILE B 284 -13.53 9.06 16.63
C ILE B 284 -13.49 9.46 18.12
N GLU B 285 -14.54 9.16 18.89
CA GLU B 285 -14.65 9.51 20.35
C GLU B 285 -13.51 8.83 21.17
N LEU B 286 -13.03 7.66 20.75
CA LEU B 286 -12.00 6.95 21.56
C LEU B 286 -10.75 7.81 21.70
N TYR B 287 -10.38 8.56 20.64
CA TYR B 287 -9.13 9.36 20.60
C TYR B 287 -9.24 10.48 21.63
N ASP B 288 -10.45 11.04 21.88
CA ASP B 288 -10.59 12.11 22.89
C ASP B 288 -10.15 11.55 24.25
N VAL B 289 -10.47 10.29 24.51
CA VAL B 289 -10.10 9.60 25.78
C VAL B 289 -8.59 9.53 25.85
N VAL B 290 -7.93 9.14 24.73
CA VAL B 290 -6.47 8.94 24.72
C VAL B 290 -5.81 10.30 24.93
N TYR B 291 -6.34 11.36 24.30
CA TYR B 291 -5.77 12.73 24.45
C TYR B 291 -5.92 13.19 25.91
N GLU B 292 -7.04 12.90 26.54
CA GLU B 292 -7.27 13.20 28.00
C GLU B 292 -6.26 12.44 28.89
N TRP B 293 -5.93 11.18 28.56
CA TRP B 293 -4.90 10.37 29.28
C TRP B 293 -3.55 11.04 29.15
N ARG B 294 -3.19 11.48 27.94
CA ARG B 294 -1.89 12.17 27.74
C ARG B 294 -1.83 13.48 28.55
N GLU B 295 -2.91 14.26 28.58
CA GLU B 295 -2.97 15.54 29.35
C GLU B 295 -2.74 15.24 30.84
N PHE B 296 -3.40 14.18 31.33
CA PHE B 296 -3.22 13.66 32.72
C PHE B 296 -1.75 13.30 32.97
N LEU B 297 -1.15 12.55 32.04
CA LEU B 297 0.25 12.06 32.18
C LEU B 297 1.21 13.25 32.13
N ASP B 298 0.98 14.20 31.22
CA ASP B 298 1.82 15.42 31.14
C ASP B 298 1.83 16.14 32.49
N GLU B 299 0.66 16.39 33.07
CA GLU B 299 0.49 17.08 34.38
C GLU B 299 1.21 16.27 35.47
N TYR B 300 1.01 14.95 35.50
CA TYR B 300 1.74 14.08 36.45
C TYR B 300 3.25 14.29 36.33
N ASN B 301 3.76 14.25 35.11
CA ASN B 301 5.21 14.38 34.87
C ASN B 301 5.68 15.77 35.36
N LYS B 302 4.88 16.81 35.10
CA LYS B 302 5.26 18.19 35.50
C LYS B 302 5.33 18.24 37.04
N ASN B 303 4.39 17.58 37.73
CA ASN B 303 4.22 17.66 39.20
C ASN B 303 5.13 16.69 39.96
N HIS B 304 5.89 15.83 39.27
CA HIS B 304 6.72 14.78 39.91
C HIS B 304 8.17 14.86 39.46
N GLY B 305 8.46 15.37 38.27
CA GLY B 305 9.84 15.36 37.77
C GLY B 305 10.36 13.94 37.58
N GLY B 306 11.67 13.78 37.57
CA GLY B 306 12.35 12.50 37.28
C GLY B 306 12.11 12.11 35.82
N ASP B 307 12.35 10.85 35.47
CA ASP B 307 12.18 10.32 34.08
C ASP B 307 10.72 10.48 33.58
N THR B 308 10.59 10.96 32.35
CA THR B 308 9.28 11.09 31.67
C THR B 308 8.56 9.75 31.74
N ARG B 309 7.30 9.78 32.18
CA ARG B 309 6.42 8.60 32.20
C ARG B 309 5.65 8.64 30.89
N VAL B 310 5.41 7.48 30.28
CA VAL B 310 4.93 7.42 28.87
C VAL B 310 3.79 6.42 28.76
N VAL B 311 3.04 6.57 27.69
CA VAL B 311 2.02 5.58 27.25
C VAL B 311 2.30 5.19 25.80
N PHE B 312 2.35 3.88 25.56
CA PHE B 312 2.43 3.29 24.21
C PHE B 312 1.11 2.55 23.98
N SER B 313 0.41 2.85 22.90
CA SER B 313 -0.92 2.27 22.62
C SER B 313 -0.86 1.05 21.70
N GLU B 314 -1.72 0.08 22.01
CA GLU B 314 -1.98 -1.12 21.19
C GLU B 314 -3.29 -0.93 20.45
N GLY B 315 -3.25 -1.13 19.15
CA GLY B 315 -4.42 -1.08 18.27
C GLY B 315 -4.01 -1.54 16.87
N TYR B 316 -4.73 -2.53 16.35
CA TYR B 316 -4.64 -2.98 14.93
C TYR B 316 -5.76 -2.26 14.17
N ALA B 317 -5.39 -1.35 13.27
CA ALA B 317 -6.31 -0.51 12.49
C ALA B 317 -5.59 -0.03 11.25
N ASN B 318 -6.29 0.64 10.34
CA ASN B 318 -5.69 1.13 9.08
C ASN B 318 -4.74 2.29 9.44
N VAL B 319 -3.99 2.76 8.46
CA VAL B 319 -2.88 3.72 8.69
C VAL B 319 -3.47 5.01 9.28
N SER B 320 -4.55 5.52 8.69
CA SER B 320 -5.20 6.76 9.13
C SER B 320 -5.59 6.66 10.62
N MET B 321 -6.32 5.61 11.00
CA MET B 321 -6.82 5.41 12.38
C MET B 321 -5.64 5.11 13.33
N THR B 322 -4.54 4.55 12.84
CA THR B 322 -3.38 4.25 13.70
C THR B 322 -2.65 5.57 14.02
N MET B 323 -2.44 6.44 13.03
CA MET B 323 -1.69 7.70 13.24
C MET B 323 -2.48 8.67 14.16
N LEU B 324 -3.79 8.54 14.25
CA LEU B 324 -4.62 9.43 15.13
C LEU B 324 -4.24 9.21 16.60
N TYR B 325 -3.62 8.08 16.94
CA TYR B 325 -3.13 7.83 18.32
C TYR B 325 -2.04 8.83 18.67
N TYR B 326 -1.20 9.24 17.74
CA TYR B 326 -0.13 10.23 18.03
C TYR B 326 -0.78 11.55 18.42
N GLY B 327 -1.89 11.88 17.77
CA GLY B 327 -2.52 13.22 17.85
C GLY B 327 -3.25 13.54 16.56
N ASN B 328 -3.59 14.81 16.32
CA ASN B 328 -4.48 15.16 15.18
C ASN B 328 -4.09 16.54 14.65
N GLU B 329 -4.68 16.92 13.52
CA GLU B 329 -4.34 18.13 12.73
C GLU B 329 -4.72 19.38 13.54
N ASP B 330 -5.61 19.29 14.53
CA ASP B 330 -6.00 20.43 15.39
C ASP B 330 -5.10 20.59 16.62
N GLY B 331 -4.02 19.80 16.76
CA GLY B 331 -2.95 19.97 17.77
C GLY B 331 -3.13 19.08 18.99
N ALA B 332 -4.10 18.17 19.01
CA ALA B 332 -4.28 17.21 20.13
C ALA B 332 -3.02 16.34 20.16
N ILE B 333 -2.59 15.92 21.35
CA ILE B 333 -1.41 15.01 21.53
C ILE B 333 -1.89 13.77 22.28
N GLY B 334 -1.59 12.58 21.74
CA GLY B 334 -2.05 11.30 22.29
C GLY B 334 -0.87 10.50 22.84
N ALA B 335 -0.84 9.21 22.53
CA ALA B 335 0.23 8.29 22.98
C ALA B 335 1.59 8.79 22.49
N HIS B 336 2.61 8.55 23.30
CA HIS B 336 4.03 8.75 22.91
C HIS B 336 4.28 8.02 21.58
N PHE B 337 3.70 6.82 21.41
CA PHE B 337 3.44 6.29 20.06
C PHE B 337 2.42 5.17 20.16
N PRO B 338 1.68 4.95 19.04
CA PRO B 338 0.97 3.71 18.79
C PRO B 338 2.01 2.68 18.29
N PHE B 339 1.88 1.41 18.69
CA PHE B 339 2.71 0.32 18.16
C PHE B 339 2.50 0.23 16.64
N ASN B 340 3.62 -0.01 15.95
CA ASN B 340 3.70 -0.28 14.50
C ASN B 340 3.71 -1.80 14.32
N PHE B 341 2.58 -2.38 13.93
CA PHE B 341 2.50 -3.86 13.75
C PHE B 341 2.81 -4.33 12.31
N ASP B 342 3.32 -3.45 11.48
CA ASP B 342 3.45 -3.71 10.00
C ASP B 342 4.25 -5.00 9.70
N PHE B 343 5.32 -5.31 10.44
CA PHE B 343 6.17 -6.49 10.23
C PHE B 343 5.40 -7.75 10.69
N ILE B 344 4.28 -7.57 11.42
CA ILE B 344 3.38 -8.70 11.80
C ILE B 344 2.31 -8.84 10.73
N THR B 345 1.65 -7.75 10.32
CA THR B 345 0.43 -7.78 9.49
C THR B 345 0.80 -7.80 8.00
N ASP B 346 1.89 -7.16 7.58
CA ASP B 346 2.09 -6.88 6.12
C ASP B 346 3.37 -7.51 5.54
N LEU B 347 4.19 -8.13 6.36
CA LEU B 347 5.43 -8.80 5.86
C LEU B 347 5.47 -10.21 6.41
N SER B 348 6.00 -11.14 5.62
CA SER B 348 6.11 -12.57 5.99
C SER B 348 7.22 -13.19 5.16
N SER B 349 7.37 -14.49 5.28
CA SER B 349 8.30 -15.27 4.41
C SER B 349 7.85 -15.18 2.94
N LYS B 350 6.65 -14.68 2.63
CA LYS B 350 6.20 -14.51 1.21
C LYS B 350 6.73 -13.20 0.64
N SER B 351 7.28 -12.33 1.48
CA SER B 351 7.74 -10.97 1.07
C SER B 351 9.10 -11.03 0.38
N ASN B 352 9.27 -10.20 -0.64
CA ASN B 352 10.54 -9.97 -1.33
C ASN B 352 11.12 -8.63 -0.84
N ALA B 353 12.33 -8.27 -1.29
CA ALA B 353 13.07 -7.08 -0.83
C ALA B 353 12.26 -5.80 -1.12
N ARG B 354 11.49 -5.77 -2.21
CA ARG B 354 10.71 -4.57 -2.62
C ARG B 354 9.56 -4.40 -1.63
N ASP B 355 8.93 -5.50 -1.19
CA ASP B 355 7.90 -5.54 -0.15
C ASP B 355 8.47 -4.97 1.15
N PHE B 356 9.63 -5.46 1.59
CA PHE B 356 10.33 -5.01 2.83
C PHE B 356 10.47 -3.48 2.75
N VAL B 357 10.96 -2.97 1.63
CA VAL B 357 11.21 -1.51 1.49
C VAL B 357 9.87 -0.75 1.55
N TYR B 358 8.86 -1.19 0.79
CA TYR B 358 7.58 -0.46 0.64
C TYR B 358 6.84 -0.42 1.98
N ILE B 359 6.89 -1.51 2.75
CA ILE B 359 6.20 -1.57 4.07
C ILE B 359 7.00 -0.71 5.08
N ILE B 360 8.33 -0.79 5.11
CA ILE B 360 9.16 0.07 6.04
C ILE B 360 8.79 1.54 5.77
N LEU B 361 8.66 1.90 4.50
CA LEU B 361 8.39 3.32 4.13
C LEU B 361 6.99 3.75 4.56
N ARG B 362 6.06 2.84 4.82
CA ARG B 362 4.67 3.25 5.16
C ARG B 362 4.66 4.02 6.48
N TRP B 363 5.27 3.50 7.53
CA TRP B 363 5.24 4.22 8.84
C TRP B 363 5.99 5.57 8.72
N LEU B 364 7.12 5.54 8.01
CA LEU B 364 8.03 6.72 7.89
C LEU B 364 7.37 7.76 6.99
N THR B 365 6.47 7.36 6.09
CA THR B 365 5.76 8.31 5.19
C THR B 365 4.55 8.94 5.91
N TYR B 366 3.79 8.18 6.69
CA TYR B 366 2.48 8.60 7.26
C TYR B 366 2.60 9.13 8.68
N MET B 367 3.65 8.82 9.41
CA MET B 367 3.79 9.25 10.82
C MET B 367 3.86 10.78 10.84
N PRO B 368 3.22 11.46 11.79
CA PRO B 368 3.26 12.91 11.77
C PRO B 368 4.67 13.45 12.07
N TYR B 369 4.90 14.67 11.58
CA TYR B 369 6.16 15.40 11.82
C TYR B 369 6.44 15.49 13.33
N GLY B 370 7.62 15.07 13.74
CA GLY B 370 8.05 15.02 15.16
C GLY B 370 7.67 13.73 15.87
N GLY B 371 6.87 12.86 15.26
CA GLY B 371 6.51 11.58 15.88
C GLY B 371 7.72 10.68 15.96
N ILE B 372 7.74 9.79 16.93
CA ILE B 372 8.82 8.80 17.13
C ILE B 372 8.37 7.50 16.48
N PRO B 373 9.10 6.99 15.47
CA PRO B 373 8.81 5.68 14.87
C PRO B 373 9.16 4.53 15.82
N ASN B 374 8.48 3.39 15.69
CA ASN B 374 8.74 2.19 16.50
C ASN B 374 8.52 0.99 15.58
N TRP B 375 9.12 -0.16 15.91
CA TRP B 375 9.14 -1.35 15.05
C TRP B 375 8.86 -2.57 15.91
N VAL B 376 7.88 -3.39 15.51
CA VAL B 376 7.44 -4.55 16.31
C VAL B 376 7.46 -5.78 15.43
N PHE B 377 8.25 -6.80 15.82
CA PHE B 377 8.48 -8.04 15.04
C PHE B 377 7.67 -9.20 15.64
N GLY B 378 7.10 -9.02 16.82
CA GLY B 378 6.44 -10.13 17.53
C GLY B 378 5.70 -9.66 18.77
N ASN B 379 4.83 -10.51 19.30
CA ASN B 379 4.20 -10.34 20.62
C ASN B 379 3.54 -11.66 21.01
N HIS B 380 2.85 -11.65 22.16
CA HIS B 380 2.21 -12.86 22.75
C HIS B 380 0.92 -13.25 22.01
N ASP B 381 0.49 -12.46 21.03
CA ASP B 381 -0.79 -12.72 20.30
C ASP B 381 -0.52 -13.23 18.91
N ASN B 382 0.76 -13.38 18.50
CA ASN B 382 1.14 -13.63 17.10
C ASN B 382 2.26 -14.67 17.07
N ASN B 383 2.42 -15.35 15.94
CA ASN B 383 3.50 -16.38 15.74
C ASN B 383 4.87 -15.72 15.91
N ARG B 384 5.88 -16.50 16.31
CA ARG B 384 7.21 -15.93 16.63
C ARG B 384 7.84 -15.50 15.30
N MET B 385 8.69 -14.47 15.37
CA MET B 385 9.40 -13.81 14.24
C MET B 385 10.02 -14.83 13.29
N PRO B 386 10.79 -15.82 13.77
CA PRO B 386 11.46 -16.77 12.86
C PRO B 386 10.54 -17.81 12.21
N THR B 387 9.36 -17.96 12.80
CA THR B 387 8.28 -18.84 12.29
C THR B 387 7.51 -18.06 11.23
N ARG B 388 7.20 -16.78 11.46
CA ARG B 388 6.49 -15.98 10.43
C ARG B 388 7.39 -15.80 9.20
N PHE B 389 8.70 -15.60 9.42
CA PHE B 389 9.73 -15.44 8.36
C PHE B 389 10.41 -16.79 8.18
N ARG B 390 11.72 -16.86 8.28
CA ARG B 390 12.49 -18.12 8.14
C ARG B 390 13.58 -18.15 9.21
N HIS B 391 14.04 -19.34 9.57
CA HIS B 391 15.15 -19.52 10.54
C HIS B 391 16.44 -18.82 10.11
N ASP B 392 16.69 -18.67 8.80
CA ASP B 392 17.96 -18.11 8.31
C ASP B 392 17.90 -16.58 8.19
N MET B 393 16.81 -15.95 8.65
CA MET B 393 16.55 -14.49 8.53
C MET B 393 16.62 -13.81 9.91
N VAL B 394 16.89 -14.53 10.99
CA VAL B 394 16.74 -13.99 12.38
C VAL B 394 17.64 -12.74 12.50
N ASP B 395 18.89 -12.83 12.10
CA ASP B 395 19.86 -11.73 12.33
C ASP B 395 19.45 -10.47 11.53
N GLY B 396 19.09 -10.65 10.26
CA GLY B 396 18.64 -9.58 9.34
C GLY B 396 17.45 -8.84 9.96
N LEU B 397 16.47 -9.57 10.48
CA LEU B 397 15.25 -8.97 11.08
C LEU B 397 15.64 -8.19 12.34
N ASN B 398 16.47 -8.77 13.23
CA ASN B 398 16.93 -8.04 14.44
C ASN B 398 17.74 -6.80 14.03
N ILE B 399 18.47 -6.83 12.91
CA ILE B 399 19.25 -5.64 12.44
C ILE B 399 18.26 -4.56 11.98
N ILE B 400 17.21 -4.92 11.23
CA ILE B 400 16.24 -3.90 10.77
C ILE B 400 15.66 -3.19 12.02
N ASN B 401 15.25 -3.99 13.02
CA ASN B 401 14.63 -3.50 14.28
C ASN B 401 15.57 -2.45 14.91
N MET B 402 16.86 -2.75 14.97
CA MET B 402 17.83 -1.92 15.75
C MET B 402 18.36 -0.74 14.95
N LEU B 403 18.39 -0.82 13.63
CA LEU B 403 19.06 0.17 12.77
C LEU B 403 18.08 1.19 12.19
N LEU B 404 16.82 0.86 12.06
CA LEU B 404 15.82 1.91 11.65
C LEU B 404 15.78 2.99 12.73
N PRO B 405 15.46 4.24 12.35
CA PRO B 405 15.30 5.29 13.34
C PRO B 405 14.18 4.99 14.33
N GLY B 406 14.38 5.45 15.54
CA GLY B 406 13.39 5.40 16.62
C GLY B 406 13.59 4.26 17.59
N VAL B 407 12.49 3.57 17.91
CA VAL B 407 12.40 2.63 19.03
C VAL B 407 12.33 1.21 18.51
N ALA B 408 13.20 0.35 19.02
CA ALA B 408 13.16 -1.10 18.75
C ALA B 408 12.29 -1.73 19.81
N VAL B 409 11.38 -2.60 19.38
CA VAL B 409 10.57 -3.43 20.32
C VAL B 409 10.96 -4.90 20.10
N THR B 410 11.37 -5.58 21.18
CA THR B 410 11.73 -7.00 21.18
C THR B 410 10.70 -7.77 22.00
N TYR B 411 10.10 -8.79 21.40
CA TYR B 411 9.29 -9.80 22.14
C TYR B 411 10.21 -10.90 22.68
N GLN B 412 10.04 -11.19 23.98
CA GLN B 412 10.67 -12.32 24.71
C GLN B 412 10.99 -13.46 23.75
N GLY B 413 12.29 -13.74 23.59
CA GLY B 413 12.80 -14.87 22.79
C GLY B 413 13.40 -14.45 21.47
N GLU B 414 13.05 -13.27 20.96
CA GLU B 414 13.61 -12.82 19.66
C GLU B 414 15.11 -12.65 19.76
N GLU B 415 15.66 -12.31 20.93
CA GLU B 415 17.11 -12.02 21.10
C GLU B 415 17.92 -13.32 20.94
N ILE B 416 17.28 -14.50 21.00
CA ILE B 416 17.96 -15.83 20.80
C ILE B 416 17.34 -16.56 19.60
N GLY B 417 16.41 -15.95 18.84
CA GLY B 417 15.77 -16.63 17.71
C GLY B 417 14.85 -17.77 18.10
N MET B 418 14.09 -17.69 19.21
CA MET B 418 13.12 -18.75 19.57
C MET B 418 12.10 -18.93 18.45
N ARG B 419 11.65 -20.18 18.25
CA ARG B 419 10.57 -20.60 17.32
C ARG B 419 9.28 -20.97 18.05
N ASP B 420 8.15 -20.84 17.36
CA ASP B 420 6.82 -21.34 17.82
C ASP B 420 7.07 -22.72 18.40
N GLY B 421 6.56 -22.98 19.61
CA GLY B 421 6.55 -24.34 20.17
C GLY B 421 5.33 -25.09 19.68
N TYR B 422 5.42 -26.42 19.56
CA TYR B 422 4.21 -27.28 19.39
C TYR B 422 3.38 -27.32 20.69
N VAL B 423 2.08 -27.11 20.53
CA VAL B 423 1.03 -27.21 21.59
C VAL B 423 -0.10 -28.07 21.01
N SER B 424 -0.31 -29.25 21.60
CA SER B 424 -1.46 -30.15 21.29
C SER B 424 -2.79 -29.46 21.63
N TRP B 425 -3.90 -30.00 21.12
CA TRP B 425 -5.27 -29.59 21.52
C TRP B 425 -5.42 -29.76 23.04
N GLU B 426 -4.83 -30.82 23.61
CA GLU B 426 -4.97 -31.20 25.04
C GLU B 426 -4.23 -30.17 25.90
N ASP B 427 -3.11 -29.62 25.43
CA ASP B 427 -2.27 -28.63 26.19
C ASP B 427 -2.71 -27.19 25.90
N THR B 428 -3.67 -26.97 25.00
CA THR B 428 -4.09 -25.61 24.55
C THR B 428 -4.95 -24.98 25.67
N VAL B 429 -4.65 -23.75 26.09
CA VAL B 429 -5.36 -23.05 27.21
C VAL B 429 -5.84 -21.66 26.77
N ASP B 430 -5.45 -21.19 25.58
CA ASP B 430 -5.88 -19.89 24.97
C ASP B 430 -7.40 -19.93 24.78
N ILE B 431 -8.13 -19.10 25.55
CA ILE B 431 -9.60 -18.90 25.38
C ILE B 431 -9.94 -18.69 23.90
N GLU B 432 -9.13 -17.98 23.10
CA GLU B 432 -9.48 -17.72 21.67
C GLU B 432 -9.61 -19.06 20.94
N ALA B 433 -8.68 -20.00 21.15
CA ALA B 433 -8.71 -21.32 20.48
C ALA B 433 -9.86 -22.17 21.03
N CYS B 434 -10.04 -22.18 22.36
CA CYS B 434 -11.07 -22.98 23.07
C CYS B 434 -12.47 -22.57 22.63
N ASN B 435 -12.67 -21.29 22.28
CA ASN B 435 -14.00 -20.75 21.89
C ASN B 435 -14.21 -20.85 20.38
N ARG B 436 -13.20 -20.54 19.58
CA ARG B 436 -13.33 -20.40 18.10
C ARG B 436 -13.01 -21.73 17.40
N GLY B 437 -12.29 -22.63 18.07
CA GLY B 437 -11.69 -23.81 17.42
C GLY B 437 -12.15 -25.10 18.05
N ASP B 438 -11.65 -26.22 17.51
CA ASP B 438 -11.90 -27.61 17.98
C ASP B 438 -10.61 -28.40 17.74
N PRO B 439 -10.51 -29.70 18.12
CA PRO B 439 -9.27 -30.47 17.97
C PRO B 439 -8.69 -30.47 16.55
N ASP B 440 -9.51 -30.12 15.54
CA ASP B 440 -9.12 -30.14 14.11
C ASP B 440 -8.65 -28.75 13.64
N THR B 441 -9.19 -27.67 14.22
CA THR B 441 -9.05 -26.27 13.73
C THR B 441 -8.26 -25.37 14.71
N TYR B 442 -8.02 -25.81 15.97
CA TYR B 442 -7.58 -24.94 17.09
C TYR B 442 -6.36 -24.11 16.67
N HIS B 443 -5.37 -24.79 16.07
CA HIS B 443 -4.05 -24.23 15.63
C HIS B 443 -4.23 -22.97 14.77
N LEU B 444 -5.39 -22.78 14.12
CA LEU B 444 -5.67 -21.60 13.27
C LEU B 444 -5.85 -20.35 14.15
N TYR B 445 -6.18 -20.52 15.43
CA TYR B 445 -6.63 -19.43 16.33
C TYR B 445 -5.69 -19.26 17.52
N SER B 446 -5.09 -20.35 18.01
CA SER B 446 -4.37 -20.37 19.29
C SER B 446 -3.16 -19.43 19.29
N ARG B 447 -2.98 -18.66 20.36
CA ARG B 447 -1.77 -17.80 20.52
C ARG B 447 -0.74 -18.52 21.37
N ASP B 448 -1.05 -19.74 21.85
CA ASP B 448 -0.19 -20.52 22.80
C ASP B 448 1.21 -20.81 22.26
N PRO B 449 1.38 -21.13 20.96
CA PRO B 449 2.73 -21.47 20.46
C PRO B 449 3.77 -20.32 20.60
N ALA B 450 3.31 -19.07 20.69
CA ALA B 450 4.21 -17.92 20.91
C ALA B 450 4.37 -17.63 22.42
N ARG B 451 3.76 -18.46 23.28
CA ARG B 451 3.74 -18.24 24.76
C ARG B 451 4.50 -19.35 25.51
N THR B 452 5.24 -20.19 24.80
CA THR B 452 5.96 -21.32 25.43
C THR B 452 7.12 -20.78 26.24
N PRO B 453 7.55 -21.48 27.32
CA PRO B 453 8.59 -20.96 28.20
C PRO B 453 9.93 -20.61 27.53
N TYR B 454 10.55 -19.54 28.04
CA TYR B 454 11.80 -18.98 27.53
C TYR B 454 12.94 -19.99 27.72
N HIS B 455 13.83 -20.10 26.74
CA HIS B 455 14.99 -21.04 26.75
C HIS B 455 16.24 -20.41 27.35
N TRP B 456 16.44 -20.50 28.67
CA TRP B 456 17.62 -19.99 29.39
C TRP B 456 18.86 -20.86 29.07
N ASP B 457 18.69 -22.19 29.04
CA ASP B 457 19.83 -23.15 28.98
C ASP B 457 19.30 -24.55 28.60
N ASN B 458 20.13 -25.60 28.67
CA ASN B 458 19.73 -26.95 28.22
C ASN B 458 19.41 -27.86 29.43
N SER B 459 19.21 -27.28 30.63
CA SER B 459 18.73 -28.00 31.84
C SER B 459 17.23 -28.31 31.72
N THR B 460 16.66 -28.93 32.72
CA THR B 460 15.23 -29.31 32.74
C THR B 460 14.35 -28.08 32.40
N SER B 461 13.36 -28.25 31.52
CA SER B 461 12.39 -27.21 31.08
C SER B 461 13.17 -25.97 30.63
N ALA B 462 14.33 -26.18 30.02
CA ALA B 462 15.22 -25.15 29.43
C ALA B 462 15.63 -24.10 30.47
N GLY B 463 15.67 -24.46 31.77
CA GLY B 463 16.13 -23.51 32.80
C GLY B 463 15.02 -22.52 33.16
N PHE B 464 13.85 -22.65 32.56
CA PHE B 464 12.66 -21.82 32.89
C PHE B 464 12.17 -22.16 34.31
N SER B 465 12.20 -23.46 34.65
CA SER B 465 11.67 -24.05 35.89
C SER B 465 12.53 -25.26 36.30
N THR B 466 12.58 -25.54 37.60
CA THR B 466 13.09 -26.81 38.18
C THR B 466 12.04 -27.92 37.99
N SER B 467 10.81 -27.59 37.62
CA SER B 467 9.73 -28.59 37.40
C SER B 467 9.63 -28.94 35.93
N THR B 468 9.24 -30.18 35.63
CA THR B 468 9.00 -30.69 34.26
C THR B 468 7.57 -30.33 33.84
N ASN B 469 6.68 -30.04 34.81
CA ASN B 469 5.25 -29.71 34.55
C ASN B 469 5.07 -28.17 34.39
N THR B 470 5.44 -27.63 33.22
CA THR B 470 5.28 -26.20 32.86
C THR B 470 3.86 -25.90 32.35
N TRP B 471 3.40 -24.67 32.56
CA TRP B 471 1.98 -24.27 32.31
C TRP B 471 1.65 -24.41 30.82
N LEU B 472 2.61 -24.16 29.93
CA LEU B 472 2.56 -24.62 28.51
C LEU B 472 3.81 -25.48 28.32
N PRO B 473 3.78 -26.42 27.35
CA PRO B 473 4.94 -27.27 27.07
C PRO B 473 6.12 -26.48 26.50
N VAL B 474 7.32 -26.79 26.96
CA VAL B 474 8.62 -26.26 26.50
C VAL B 474 8.81 -26.74 25.07
N ALA B 475 9.18 -25.83 24.16
CA ALA B 475 9.43 -26.15 22.74
C ALA B 475 10.53 -27.24 22.64
N GLU B 476 10.38 -28.18 21.70
CA GLU B 476 11.27 -29.37 21.54
C GLU B 476 12.70 -28.97 21.16
N ASP B 477 12.93 -27.79 20.60
CA ASP B 477 14.26 -27.40 20.05
C ASP B 477 15.09 -26.67 21.12
N TYR B 478 14.73 -26.73 22.42
CA TYR B 478 15.41 -25.89 23.45
C TYR B 478 16.87 -26.30 23.64
N GLN B 479 17.19 -27.57 23.41
CA GLN B 479 18.62 -28.05 23.40
C GLN B 479 19.45 -27.30 22.35
N GLU B 480 18.85 -26.91 21.23
CA GLU B 480 19.55 -26.25 20.10
C GLU B 480 19.53 -24.73 20.29
N ILE B 481 18.40 -24.19 20.75
CA ILE B 481 18.15 -22.72 20.80
C ILE B 481 17.95 -22.37 22.27
N ASN B 482 19.01 -21.85 22.92
CA ASN B 482 18.94 -21.38 24.33
C ASN B 482 20.03 -20.35 24.56
N LEU B 483 19.78 -19.48 25.54
CA LEU B 483 20.63 -18.29 25.79
C LEU B 483 22.05 -18.69 26.20
N ALA B 484 22.18 -19.63 27.15
CA ALA B 484 23.52 -20.07 27.63
C ALA B 484 24.41 -20.54 26.47
N LYS B 485 23.89 -21.39 25.58
CA LYS B 485 24.63 -21.87 24.38
C LYS B 485 25.12 -20.68 23.55
N GLN B 486 24.31 -19.63 23.40
CA GLN B 486 24.58 -18.49 22.48
C GLN B 486 25.59 -17.54 23.12
N LYS B 487 25.69 -17.54 24.45
CA LYS B 487 26.74 -16.78 25.16
C LYS B 487 28.07 -17.52 25.05
N GLU B 488 28.03 -18.85 24.97
CA GLU B 488 29.23 -19.72 25.00
C GLU B 488 29.89 -19.68 23.61
N THR B 489 29.11 -19.90 22.55
CA THR B 489 29.61 -20.04 21.15
C THR B 489 30.14 -18.69 20.60
N ALA B 490 31.06 -18.74 19.64
CA ALA B 490 31.74 -17.53 19.10
C ALA B 490 30.75 -16.61 18.36
N ARG B 491 29.82 -17.18 17.61
CA ARG B 491 28.79 -16.42 16.83
C ARG B 491 27.40 -16.90 17.22
N SER B 492 26.45 -15.97 17.41
CA SER B 492 25.08 -16.31 17.88
C SER B 492 24.13 -15.13 17.67
N HIS B 493 22.85 -15.44 17.56
CA HIS B 493 21.76 -14.44 17.52
C HIS B 493 21.96 -13.47 18.70
N PHE B 494 22.22 -13.97 19.89
CA PHE B 494 22.34 -13.12 21.10
C PHE B 494 23.53 -12.18 20.97
N LYS B 495 24.70 -12.68 20.55
CA LYS B 495 25.91 -11.86 20.41
C LYS B 495 25.66 -10.77 19.37
N ASN B 496 24.92 -11.09 18.32
CA ASN B 496 24.56 -10.10 17.27
C ASN B 496 23.60 -9.06 17.87
N TYR B 497 22.67 -9.51 18.68
CA TYR B 497 21.67 -8.61 19.35
C TYR B 497 22.42 -7.61 20.25
N GLN B 498 23.38 -8.11 21.05
CA GLN B 498 24.25 -7.27 21.93
C GLN B 498 25.03 -6.23 21.13
N ALA B 499 25.66 -6.61 20.00
CA ALA B 499 26.41 -5.70 19.12
C ALA B 499 25.49 -4.60 18.57
N LEU B 500 24.26 -4.95 18.26
CA LEU B 500 23.26 -4.01 17.69
C LEU B 500 22.73 -3.04 18.73
N THR B 501 22.42 -3.49 19.94
CA THR B 501 21.92 -2.56 20.99
C THR B 501 23.07 -1.61 21.37
N LYS B 502 24.30 -2.12 21.34
CA LYS B 502 25.52 -1.31 21.61
C LYS B 502 25.67 -0.24 20.52
N LEU B 503 25.43 -0.59 19.25
CA LEU B 503 25.56 0.34 18.09
C LEU B 503 24.57 1.52 18.23
N ARG B 504 23.46 1.31 18.90
CA ARG B 504 22.40 2.35 19.05
C ARG B 504 22.88 3.53 19.89
N LYS B 505 23.95 3.36 20.68
CA LYS B 505 24.61 4.48 21.40
C LYS B 505 25.27 5.45 20.44
N GLN B 506 25.66 5.03 19.24
CA GLN B 506 26.33 5.91 18.26
C GLN B 506 25.35 6.99 17.77
N ALA B 507 25.84 8.23 17.64
CA ALA B 507 25.10 9.40 17.15
C ALA B 507 24.47 9.11 15.78
N THR B 508 25.12 8.33 14.94
CA THR B 508 24.57 8.01 13.61
C THR B 508 23.24 7.24 13.75
N LEU B 509 23.04 6.42 14.78
CA LEU B 509 21.75 5.66 14.91
C LEU B 509 20.74 6.50 15.70
N SER B 510 21.19 7.31 16.66
CA SER B 510 20.27 8.14 17.48
C SER B 510 19.80 9.38 16.70
N HIS B 511 20.62 9.95 15.79
CA HIS B 511 20.32 11.28 15.17
C HIS B 511 20.46 11.27 13.64
N GLY B 512 21.00 10.18 13.07
CA GLY B 512 21.32 10.04 11.64
C GLY B 512 20.09 10.02 10.74
N GLU B 513 20.25 10.47 9.51
CA GLU B 513 19.25 10.33 8.43
C GLU B 513 19.13 8.86 8.07
N TYR B 514 18.16 8.53 7.23
CA TYR B 514 18.00 7.15 6.70
C TYR B 514 17.75 7.25 5.19
N ASP B 515 18.21 6.24 4.45
CA ASP B 515 17.94 6.02 3.01
C ASP B 515 17.70 4.52 2.84
N ILE B 516 16.63 4.11 2.17
CA ILE B 516 16.25 2.68 2.04
C ILE B 516 15.69 2.45 0.65
N ARG B 517 16.32 1.52 -0.09
CA ARG B 517 15.82 1.07 -1.42
C ARG B 517 16.20 -0.38 -1.66
N ALA B 518 15.44 -1.05 -2.53
CA ALA B 518 15.76 -2.42 -2.98
C ALA B 518 16.82 -2.33 -4.09
N LEU B 519 17.84 -3.17 -4.02
CA LEU B 519 18.79 -3.32 -5.16
C LEU B 519 18.27 -4.33 -6.17
N SER B 520 17.39 -5.24 -5.77
CA SER B 520 16.84 -6.32 -6.62
C SER B 520 15.56 -6.80 -5.98
N ASP B 521 14.91 -7.84 -6.53
CA ASP B 521 13.79 -8.50 -5.84
C ASP B 521 14.26 -9.17 -4.54
N ARG B 522 15.56 -9.38 -4.33
CA ARG B 522 16.07 -10.26 -3.26
C ARG B 522 16.75 -9.45 -2.15
N THR B 523 17.43 -8.35 -2.48
CA THR B 523 18.32 -7.61 -1.54
C THR B 523 17.90 -6.13 -1.43
N PHE B 524 17.87 -5.59 -0.20
CA PHE B 524 17.70 -4.13 0.01
C PHE B 524 18.85 -3.63 0.88
N TYR B 525 19.05 -2.31 0.84
CA TYR B 525 19.96 -1.59 1.76
C TYR B 525 19.13 -0.66 2.67
N LEU B 526 19.68 -0.42 3.85
CA LEU B 526 19.30 0.67 4.75
C LEU B 526 20.60 1.36 5.19
N VAL B 527 20.69 2.65 4.90
CA VAL B 527 21.84 3.52 5.24
C VAL B 527 21.42 4.52 6.32
N ARG B 528 22.18 4.51 7.42
CA ARG B 528 22.11 5.58 8.41
C ARG B 528 23.36 6.42 8.22
N SER B 529 23.20 7.73 8.14
CA SER B 529 24.30 8.65 7.76
C SER B 529 24.14 9.92 8.56
N LEU B 530 25.28 10.53 8.92
CA LEU B 530 25.25 11.80 9.68
C LEU B 530 26.58 12.49 9.44
N PRO B 531 26.63 13.71 8.85
CA PRO B 531 27.91 14.35 8.60
C PRO B 531 28.84 14.31 9.84
N THR B 532 30.11 13.97 9.60
CA THR B 532 31.25 13.86 10.56
C THR B 532 31.17 12.60 11.40
N HIS B 533 30.13 11.76 11.26
CA HIS B 533 30.01 10.50 12.05
C HIS B 533 30.04 9.30 11.11
N ASP B 534 30.42 8.13 11.62
CA ASP B 534 30.54 6.91 10.80
C ASP B 534 29.20 6.60 10.12
N THR B 535 29.26 6.01 8.94
CA THR B 535 28.08 5.57 8.17
C THR B 535 27.84 4.11 8.50
N TYR B 536 26.58 3.71 8.66
CA TYR B 536 26.23 2.28 8.88
C TYR B 536 25.23 1.85 7.82
N VAL B 537 25.47 0.67 7.24
CA VAL B 537 24.69 0.11 6.12
C VAL B 537 24.28 -1.32 6.47
N LEU B 538 22.99 -1.60 6.40
CA LEU B 538 22.43 -2.97 6.32
C LEU B 538 22.33 -3.37 4.86
N LEU B 539 22.85 -4.54 4.49
CA LEU B 539 22.52 -5.27 3.26
C LEU B 539 21.89 -6.57 3.70
N PHE B 540 20.73 -6.87 3.14
CA PHE B 540 19.92 -8.01 3.57
C PHE B 540 19.28 -8.66 2.35
N ASN B 541 19.66 -9.92 2.12
CA ASN B 541 19.06 -10.81 1.10
C ASN B 541 17.96 -11.55 1.84
N VAL B 542 16.71 -11.12 1.66
CA VAL B 542 15.49 -11.71 2.31
C VAL B 542 14.95 -12.91 1.53
N SER B 543 15.54 -13.25 0.39
CA SER B 543 15.04 -14.32 -0.52
C SER B 543 15.64 -15.68 -0.14
N GLU B 544 15.18 -16.71 -0.85
CA GLU B 544 15.65 -18.12 -0.67
C GLU B 544 16.77 -18.42 -1.68
N ARG B 545 17.27 -17.43 -2.40
CA ARG B 545 18.31 -17.64 -3.44
C ARG B 545 19.46 -16.68 -3.20
N ARG B 546 20.64 -16.98 -3.77
CA ARG B 546 21.83 -16.10 -3.70
C ARG B 546 21.54 -14.87 -4.52
N ASP B 547 22.27 -13.79 -4.27
CA ASP B 547 22.06 -12.54 -5.03
C ASP B 547 23.40 -11.85 -5.08
N THR B 548 23.73 -11.23 -6.21
CA THR B 548 24.95 -10.44 -6.36
C THR B 548 24.52 -9.01 -6.62
N VAL B 549 25.08 -8.05 -5.90
CA VAL B 549 24.68 -6.62 -6.05
C VAL B 549 25.94 -5.78 -6.26
N ASP B 550 25.73 -4.63 -6.88
CA ASP B 550 26.74 -3.56 -7.03
C ASP B 550 26.64 -2.58 -5.85
N LEU B 551 27.60 -2.62 -4.95
CA LEU B 551 27.64 -1.71 -3.77
C LEU B 551 27.84 -0.26 -4.21
N GLY B 552 28.22 -0.02 -5.46
CA GLY B 552 28.28 1.33 -6.05
C GLY B 552 26.91 2.02 -6.02
N ARG B 553 25.81 1.27 -5.96
CA ARG B 553 24.44 1.82 -5.98
C ARG B 553 24.01 2.29 -4.59
N VAL B 554 24.79 1.96 -3.56
CA VAL B 554 24.42 2.27 -2.15
C VAL B 554 24.92 3.67 -1.85
N PRO B 555 24.04 4.63 -1.48
CA PRO B 555 24.47 5.99 -1.20
C PRO B 555 25.35 6.00 0.06
N HIS B 556 26.29 6.94 0.11
CA HIS B 556 27.14 7.19 1.31
C HIS B 556 28.03 6.00 1.70
N LEU B 557 28.19 4.98 0.84
CA LEU B 557 29.07 3.82 1.13
C LEU B 557 30.37 3.95 0.34
N THR B 558 31.44 4.41 0.98
CA THR B 558 32.79 4.40 0.34
C THR B 558 33.51 3.15 0.81
N LEU B 559 34.19 2.47 -0.11
CA LEU B 559 34.95 1.25 0.17
C LEU B 559 36.44 1.60 0.25
N PRO B 560 37.26 0.90 1.06
CA PRO B 560 36.78 -0.22 1.87
C PRO B 560 35.92 0.16 3.09
N ALA B 561 35.14 -0.80 3.56
CA ALA B 561 34.27 -0.71 4.75
C ALA B 561 34.47 -1.99 5.54
N THR B 562 34.14 -1.96 6.84
CA THR B 562 34.35 -3.08 7.78
C THR B 562 33.02 -3.68 8.21
N VAL B 563 32.96 -4.99 8.20
CA VAL B 563 31.76 -5.73 8.70
C VAL B 563 31.68 -5.50 10.21
N TYR B 564 30.61 -4.85 10.68
CA TYR B 564 30.36 -4.63 12.14
C TYR B 564 29.63 -5.85 12.70
N VAL B 565 28.61 -6.33 11.99
CA VAL B 565 27.79 -7.51 12.37
C VAL B 565 27.56 -8.32 11.12
N SER B 566 27.54 -9.63 11.26
CA SER B 566 27.06 -10.54 10.21
C SER B 566 26.14 -11.59 10.79
N SER B 567 25.20 -12.03 9.97
CA SER B 567 24.36 -13.25 10.15
C SER B 567 25.25 -14.40 10.63
N ILE B 568 24.74 -15.28 11.49
CA ILE B 568 25.57 -16.36 12.09
C ILE B 568 26.19 -17.33 11.04
N HIS B 569 25.67 -17.39 9.82
CA HIS B 569 26.21 -18.29 8.78
C HIS B 569 26.80 -17.53 7.59
N SER B 570 26.99 -16.22 7.71
CA SER B 570 27.75 -15.43 6.72
C SER B 570 29.19 -15.97 6.60
N ALA B 571 29.72 -15.96 5.38
CA ALA B 571 31.16 -16.19 5.12
C ALA B 571 31.96 -15.05 5.74
N ARG B 572 31.34 -13.90 6.05
CA ARG B 572 32.08 -12.73 6.57
C ARG B 572 31.95 -12.71 8.10
N LEU B 573 33.06 -12.48 8.78
CA LEU B 573 33.10 -12.29 10.25
C LEU B 573 33.18 -10.79 10.51
N ALA B 574 32.71 -10.39 11.68
CA ALA B 574 32.93 -9.04 12.22
C ALA B 574 34.43 -8.74 12.15
N GLY B 575 34.80 -7.59 11.60
CA GLY B 575 36.21 -7.18 11.39
C GLY B 575 36.70 -7.42 9.95
N HIS B 576 36.02 -8.27 9.16
CA HIS B 576 36.28 -8.53 7.70
C HIS B 576 36.16 -7.21 6.92
N GLU B 577 37.05 -7.00 5.96
CA GLU B 577 37.07 -5.82 5.06
C GLU B 577 36.28 -6.14 3.80
N ILE B 578 35.36 -5.26 3.42
CA ILE B 578 34.70 -5.27 2.08
C ILE B 578 35.45 -4.28 1.18
N THR B 579 36.12 -4.77 0.13
CA THR B 579 37.00 -3.98 -0.78
C THR B 579 36.41 -3.95 -2.20
N SER B 580 35.70 -4.99 -2.63
CA SER B 580 35.12 -5.11 -3.99
C SER B 580 33.72 -4.49 -4.02
N SER B 581 33.38 -3.82 -5.13
CA SER B 581 32.05 -3.23 -5.37
C SER B 581 31.01 -4.32 -5.69
N GLN B 582 31.42 -5.54 -6.04
CA GLN B 582 30.49 -6.66 -6.32
C GLN B 582 30.36 -7.50 -5.06
N LEU B 583 29.15 -7.72 -4.54
CA LEU B 583 28.96 -8.50 -3.29
C LEU B 583 27.91 -9.60 -3.51
N SER B 584 28.28 -10.84 -3.31
CA SER B 584 27.37 -12.02 -3.37
C SER B 584 26.91 -12.35 -1.94
N LEU B 585 25.58 -12.27 -1.71
CA LEU B 585 24.91 -12.62 -0.44
C LEU B 585 24.20 -13.96 -0.61
N GLU B 586 24.37 -14.82 0.38
CA GLU B 586 23.54 -16.05 0.49
CA GLU B 586 23.55 -16.06 0.46
C GLU B 586 22.10 -15.69 0.84
N ALA B 587 21.18 -16.65 0.64
CA ALA B 587 19.77 -16.58 1.09
C ALA B 587 19.76 -16.25 2.59
N GLY B 588 19.01 -15.23 3.02
CA GLY B 588 18.89 -14.87 4.46
C GLY B 588 20.07 -14.01 4.96
N GLU B 589 21.14 -13.91 4.20
CA GLU B 589 22.42 -13.31 4.71
C GLU B 589 22.26 -11.80 4.92
N ALA B 590 22.76 -11.31 6.05
CA ALA B 590 22.70 -9.89 6.37
C ALA B 590 24.04 -9.44 6.94
N LEU B 591 24.42 -8.22 6.58
CA LEU B 591 25.65 -7.53 7.05
C LEU B 591 25.30 -6.12 7.48
N VAL B 592 25.94 -5.66 8.56
CA VAL B 592 26.05 -4.23 8.86
C VAL B 592 27.49 -3.86 8.53
N LEU B 593 27.65 -2.89 7.64
CA LEU B 593 28.97 -2.33 7.31
C LEU B 593 29.16 -1.01 8.04
N LYS B 594 30.36 -0.81 8.59
CA LYS B 594 30.80 0.50 9.12
C LYS B 594 31.70 1.14 8.05
N ALA B 595 31.34 2.34 7.61
CA ALA B 595 32.05 3.06 6.53
C ALA B 595 32.41 4.46 7.03
N GLN B 596 33.34 5.12 6.34
CA GLN B 596 33.85 6.44 6.76
C GLN B 596 32.70 7.46 6.80
N PRO B 597 32.85 8.54 7.59
CA PRO B 597 31.86 9.61 7.62
C PRO B 597 31.67 10.29 6.26
N ILE B 598 30.45 10.78 6.03
CA ILE B 598 30.15 11.77 4.97
C ILE B 598 30.27 13.17 5.58
#